data_5MX1
#
_entry.id   5MX1
#
_cell.length_a   215.450
_cell.length_b   60.700
_cell.length_c   57.660
_cell.angle_alpha   90.00
_cell.angle_beta   100.60
_cell.angle_gamma   90.00
#
_symmetry.space_group_name_H-M   'C 1 2 1'
#
loop_
_entity.id
_entity.type
_entity.pdbx_description
1 polymer Chondroadherin
2 non-polymer 'PHOSPHATE ION'
3 non-polymer 'NICKEL (II) ION'
4 non-polymer 'CHLORIDE ION'
5 water water
#
_entity_poly.entity_id   1
_entity_poly.type   'polypeptide(L)'
_entity_poly.pdbx_seq_one_letter_code
;APLAACPQNCHCHSDLQHVICDKVGLQKIPKVSEKTKLLNLQRNNFPVLAANSFRAMPNLVSLHLQHCQIREVAAGAFRG
LKQLIYLYLSHNDIRVLRAGAFDDLTELTYLYLDHNKVTELPRGLLSPLVNLFILQLNNNKIRELRAGAFQGAKDLRWLY
LSENALSSLQPGALDDVENLAKFHVDRNQLSSYPSAALSKLRVVEELKLSHNPLKSIPDNAFQSFGRYLETLWLDNTNLE
KFSDGAFLGVTTLKHVHLENNRLNQLPSNFPFDSLETLALTNNPWKCTCQLRGLRRWLEAKASRPDATCASPAKFKGQHI
RDTDAFRSCKFPTKRSKKAGRH
;
_entity_poly.pdbx_strand_id   A,B
#
loop_
_chem_comp.id
_chem_comp.type
_chem_comp.name
_chem_comp.formula
CL non-polymer 'CHLORIDE ION' 'Cl -1'
NI non-polymer 'NICKEL (II) ION' 'Ni 2'
PO4 non-polymer 'PHOSPHATE ION' 'O4 P -3'
#
# COMPACT_ATOMS: atom_id res chain seq x y z
N LEU A 3 -14.29 23.21 29.79
CA LEU A 3 -13.34 22.53 30.65
C LEU A 3 -12.40 21.66 29.83
N ALA A 4 -12.94 21.05 28.77
CA ALA A 4 -12.16 20.17 27.90
C ALA A 4 -11.54 20.95 26.75
N ALA A 5 -10.22 20.88 26.64
CA ALA A 5 -9.47 21.58 25.59
C ALA A 5 -8.46 20.65 24.94
N CYS A 6 -7.66 21.18 24.02
CA CYS A 6 -6.63 20.38 23.36
C CYS A 6 -5.60 19.91 24.39
N PRO A 7 -5.21 18.63 24.35
CA PRO A 7 -4.24 18.13 25.34
C PRO A 7 -2.89 18.81 25.23
N GLN A 8 -2.13 18.79 26.33
CA GLN A 8 -0.81 19.42 26.37
C GLN A 8 0.14 18.80 25.34
N ASN A 9 0.88 19.66 24.66
CA ASN A 9 1.86 19.26 23.64
C ASN A 9 1.24 18.66 22.38
N CYS A 10 -0.09 18.63 22.31
CA CYS A 10 -0.78 18.14 21.12
C CYS A 10 -1.20 19.29 20.23
N HIS A 11 -1.54 18.98 18.98
CA HIS A 11 -1.96 19.98 17.99
C HIS A 11 -3.37 19.65 17.53
N CYS A 12 -4.31 20.56 17.84
CA CYS A 12 -5.71 20.32 17.54
C CYS A 12 -6.19 21.16 16.36
N HIS A 13 -7.19 20.65 15.64
CA HIS A 13 -7.70 21.31 14.45
C HIS A 13 -9.22 21.19 14.36
N SER A 14 -9.83 22.00 13.49
CA SER A 14 -11.27 21.98 13.25
C SER A 14 -12.05 22.15 14.55
N ASP A 15 -11.61 23.10 15.37
CA ASP A 15 -12.24 23.36 16.66
C ASP A 15 -12.29 22.10 17.51
N LEU A 16 -11.11 21.53 17.79
CA LEU A 16 -10.96 20.39 18.69
C LEU A 16 -11.64 19.12 18.17
N GLN A 17 -12.02 19.10 16.89
CA GLN A 17 -12.58 17.90 16.29
C GLN A 17 -11.47 16.93 15.89
N HIS A 18 -10.33 17.48 15.52
CA HIS A 18 -9.15 16.68 15.19
C HIS A 18 -8.06 16.87 16.24
N VAL A 19 -7.73 15.80 16.95
CA VAL A 19 -6.69 15.83 17.97
C VAL A 19 -5.48 15.01 17.51
N ILE A 20 -4.39 15.70 17.23
CA ILE A 20 -3.15 15.06 16.75
C ILE A 20 -2.09 15.07 17.85
N CYS A 21 -1.67 13.86 18.25
CA CYS A 21 -0.63 13.69 19.25
C CYS A 21 0.47 12.79 18.69
N ASP A 22 1.11 13.23 17.61
CA ASP A 22 2.12 12.45 16.93
C ASP A 22 3.47 12.57 17.64
N LYS A 23 3.90 11.46 18.25
CA LYS A 23 5.21 11.39 18.89
C LYS A 23 5.42 12.53 19.90
N VAL A 24 4.72 12.43 21.02
CA VAL A 24 4.73 13.49 22.02
C VAL A 24 5.03 12.93 23.42
N GLY A 25 5.47 11.67 23.45
CA GLY A 25 5.94 11.06 24.69
C GLY A 25 4.86 10.59 25.63
N LEU A 26 3.67 10.30 25.10
CA LEU A 26 2.55 9.86 25.92
C LEU A 26 2.73 8.42 26.41
N GLN A 27 2.36 8.19 27.66
CA GLN A 27 2.41 6.86 28.27
C GLN A 27 0.99 6.36 28.54
N LYS A 28 0.03 7.29 28.55
CA LYS A 28 -1.37 6.97 28.74
C LYS A 28 -2.24 7.66 27.70
N ILE A 29 -3.42 7.10 27.45
CA ILE A 29 -4.37 7.72 26.53
C ILE A 29 -4.84 9.05 27.12
N PRO A 30 -4.66 10.16 26.38
CA PRO A 30 -5.05 11.46 26.95
C PRO A 30 -6.56 11.66 27.02
N LYS A 31 -6.99 12.55 27.91
CA LYS A 31 -8.37 12.97 27.97
C LYS A 31 -8.63 13.98 26.87
N VAL A 32 -9.69 13.77 26.10
CA VAL A 32 -10.04 14.65 24.99
C VAL A 32 -11.50 15.05 25.05
N SER A 33 -11.84 16.13 24.35
CA SER A 33 -13.22 16.62 24.33
C SER A 33 -14.15 15.59 23.68
N GLU A 34 -15.42 15.65 24.03
CA GLU A 34 -16.39 14.69 23.51
C GLU A 34 -16.73 14.95 22.05
N LYS A 35 -16.32 16.11 21.53
CA LYS A 35 -16.56 16.42 20.13
C LYS A 35 -15.44 15.90 19.23
N THR A 36 -14.45 15.23 19.83
CA THR A 36 -13.34 14.66 19.07
C THR A 36 -13.85 13.62 18.07
N LYS A 37 -13.45 13.78 16.81
CA LYS A 37 -13.86 12.88 15.74
C LYS A 37 -12.65 12.14 15.16
N LEU A 38 -11.50 12.78 15.23
CA LEU A 38 -10.25 12.19 14.77
C LEU A 38 -9.19 12.26 15.87
N LEU A 39 -8.70 11.09 16.27
CA LEU A 39 -7.67 11.02 17.31
C LEU A 39 -6.44 10.26 16.82
N ASN A 40 -5.35 10.99 16.62
CA ASN A 40 -4.10 10.40 16.15
C ASN A 40 -3.07 10.34 17.27
N LEU A 41 -2.82 9.13 17.76
CA LEU A 41 -1.88 8.91 18.86
C LEU A 41 -0.65 8.16 18.37
N GLN A 42 -0.33 8.33 17.10
CA GLN A 42 0.77 7.59 16.47
C GLN A 42 2.12 7.88 17.13
N ARG A 43 2.94 6.83 17.22
CA ARG A 43 4.33 6.92 17.69
C ARG A 43 4.47 7.38 19.14
N ASN A 44 3.64 6.84 20.02
CA ASN A 44 3.81 7.02 21.46
C ASN A 44 4.17 5.68 22.11
N ASN A 45 3.69 5.43 23.32
CA ASN A 45 4.04 4.20 24.03
C ASN A 45 2.90 3.69 24.90
N PHE A 46 2.14 2.73 24.38
CA PHE A 46 1.04 2.11 25.12
C PHE A 46 1.15 0.58 25.06
N PRO A 47 2.08 0.02 25.85
CA PRO A 47 2.33 -1.43 25.83
C PRO A 47 1.06 -2.26 26.02
N VAL A 48 0.13 -1.76 26.83
CA VAL A 48 -1.12 -2.45 27.10
C VAL A 48 -2.32 -1.51 26.98
N LEU A 49 -3.23 -1.85 26.09
CA LEU A 49 -4.50 -1.14 25.97
C LEU A 49 -5.54 -1.82 26.85
N ALA A 50 -5.77 -1.24 28.03
CA ALA A 50 -6.70 -1.81 29.00
C ALA A 50 -8.14 -1.55 28.59
N ALA A 51 -9.07 -2.25 29.24
CA ALA A 51 -10.49 -2.05 29.01
C ALA A 51 -10.86 -0.59 29.26
N ASN A 52 -11.72 -0.05 28.39
CA ASN A 52 -12.16 1.33 28.50
C ASN A 52 -11.00 2.31 28.46
N SER A 53 -10.10 2.14 27.50
CA SER A 53 -8.97 3.04 27.34
C SER A 53 -9.36 4.31 26.60
N PHE A 54 -10.56 4.29 26.00
CA PHE A 54 -11.03 5.43 25.22
C PHE A 54 -12.46 5.80 25.63
N ARG A 55 -12.63 6.10 26.91
CA ARG A 55 -13.92 6.51 27.44
C ARG A 55 -14.28 7.92 26.99
N ALA A 56 -15.57 8.18 26.88
CA ALA A 56 -16.08 9.51 26.57
C ALA A 56 -15.58 10.04 25.23
N MET A 57 -15.62 9.18 24.21
CA MET A 57 -15.32 9.59 22.84
C MET A 57 -16.38 9.02 21.90
N PRO A 58 -17.66 9.35 22.14
CA PRO A 58 -18.77 8.75 21.38
C PRO A 58 -18.80 9.17 19.91
N ASN A 59 -18.16 10.29 19.58
CA ASN A 59 -18.19 10.82 18.21
C ASN A 59 -16.94 10.48 17.40
N LEU A 60 -16.04 9.70 17.99
CA LEU A 60 -14.80 9.32 17.31
C LEU A 60 -15.08 8.41 16.13
N VAL A 61 -14.53 8.76 14.97
CA VAL A 61 -14.75 7.98 13.74
C VAL A 61 -13.44 7.44 13.16
N SER A 62 -12.31 7.98 13.61
CA SER A 62 -11.00 7.55 13.14
C SER A 62 -9.96 7.59 14.26
N LEU A 63 -9.38 6.43 14.54
CA LEU A 63 -8.42 6.27 15.64
C LEU A 63 -7.11 5.66 15.14
N HIS A 64 -6.00 6.39 15.36
CA HIS A 64 -4.69 5.99 14.84
C HIS A 64 -3.74 5.65 15.98
N LEU A 65 -3.31 4.38 16.04
CA LEU A 65 -2.47 3.90 17.14
C LEU A 65 -1.25 3.14 16.65
N GLN A 66 -0.76 3.46 15.46
CA GLN A 66 0.40 2.76 14.91
C GLN A 66 1.70 3.24 15.55
N HIS A 67 2.68 2.34 15.59
CA HIS A 67 4.01 2.62 16.14
C HIS A 67 3.96 2.99 17.63
N CYS A 68 3.02 2.42 18.36
CA CYS A 68 2.86 2.74 19.78
C CYS A 68 3.36 1.62 20.69
N GLN A 69 4.13 0.70 20.12
CA GLN A 69 4.75 -0.39 20.89
C GLN A 69 3.69 -1.23 21.62
N ILE A 70 2.48 -1.27 21.07
CA ILE A 70 1.39 -2.00 21.69
C ILE A 70 1.65 -3.51 21.60
N ARG A 71 1.56 -4.18 22.75
CA ARG A 71 1.83 -5.61 22.84
C ARG A 71 0.55 -6.40 23.07
N GLU A 72 -0.38 -5.83 23.84
CA GLU A 72 -1.62 -6.52 24.18
C GLU A 72 -2.83 -5.60 24.14
N VAL A 73 -3.91 -6.11 23.54
CA VAL A 73 -5.19 -5.42 23.50
C VAL A 73 -6.19 -6.16 24.38
N ALA A 74 -6.46 -5.62 25.56
CA ALA A 74 -7.33 -6.27 26.53
C ALA A 74 -8.77 -6.28 26.05
N ALA A 75 -9.59 -7.12 26.68
CA ALA A 75 -11.00 -7.22 26.34
C ALA A 75 -11.74 -5.94 26.67
N GLY A 76 -12.44 -5.39 25.68
CA GLY A 76 -13.21 -4.17 25.87
C GLY A 76 -12.34 -2.93 25.84
N ALA A 77 -11.16 -3.05 25.24
CA ALA A 77 -10.23 -1.93 25.15
C ALA A 77 -10.86 -0.76 24.40
N PHE A 78 -11.79 -1.07 23.49
CA PHE A 78 -12.42 -0.06 22.66
C PHE A 78 -13.91 0.11 22.96
N ARG A 79 -14.33 -0.21 24.18
CA ARG A 79 -15.73 -0.04 24.55
C ARG A 79 -16.15 1.42 24.45
N GLY A 80 -17.36 1.65 23.92
CA GLY A 80 -17.91 2.99 23.81
C GLY A 80 -17.78 3.59 22.42
N LEU A 81 -16.80 3.13 21.67
CA LEU A 81 -16.54 3.63 20.32
C LEU A 81 -17.54 3.05 19.32
N LYS A 82 -18.81 3.39 19.50
CA LYS A 82 -19.88 2.85 18.68
C LYS A 82 -19.95 3.48 17.29
N GLN A 83 -19.13 4.52 17.06
CA GLN A 83 -19.16 5.26 15.81
C GLN A 83 -17.84 5.18 15.05
N LEU A 84 -16.89 4.41 15.57
CA LEU A 84 -15.57 4.30 14.95
C LEU A 84 -15.66 3.60 13.60
N ILE A 85 -15.04 4.20 12.59
CA ILE A 85 -15.06 3.67 11.23
C ILE A 85 -13.67 3.15 10.84
N TYR A 86 -12.64 3.87 11.26
CA TYR A 86 -11.26 3.51 10.97
C TYR A 86 -10.51 3.17 12.27
N LEU A 87 -9.72 2.11 12.22
CA LEU A 87 -8.85 1.76 13.34
C LEU A 87 -7.51 1.25 12.83
N TYR A 88 -6.46 2.02 13.13
CA TYR A 88 -5.10 1.68 12.69
C TYR A 88 -4.27 1.19 13.86
N LEU A 89 -3.93 -0.10 13.83
CA LEU A 89 -3.07 -0.71 14.84
C LEU A 89 -1.80 -1.26 14.18
N SER A 90 -1.52 -0.78 12.97
CA SER A 90 -0.36 -1.23 12.21
C SER A 90 0.96 -0.91 12.92
N HIS A 91 1.99 -1.68 12.59
CA HIS A 91 3.35 -1.44 13.08
C HIS A 91 3.42 -1.35 14.60
N ASN A 92 2.88 -2.36 15.26
CA ASN A 92 3.03 -2.54 16.70
C ASN A 92 3.65 -3.91 16.96
N ASP A 93 3.60 -4.37 18.21
CA ASP A 93 4.17 -5.66 18.58
C ASP A 93 3.10 -6.56 19.20
N ILE A 94 1.91 -6.54 18.60
CA ILE A 94 0.78 -7.31 19.10
C ILE A 94 1.00 -8.80 18.86
N ARG A 95 1.01 -9.57 19.94
CA ARG A 95 1.10 -11.03 19.88
C ARG A 95 -0.21 -11.62 20.38
N VAL A 96 -0.72 -11.03 21.46
CA VAL A 96 -1.95 -11.48 22.10
C VAL A 96 -3.12 -10.65 21.62
N LEU A 97 -4.13 -11.32 21.07
CA LEU A 97 -5.30 -10.65 20.53
C LEU A 97 -6.52 -11.56 20.68
N ARG A 98 -7.10 -11.56 21.88
CA ARG A 98 -8.19 -12.47 22.21
C ARG A 98 -9.56 -11.86 21.93
N ALA A 99 -10.59 -12.71 21.94
CA ALA A 99 -11.95 -12.26 21.73
C ALA A 99 -12.35 -11.26 22.80
N GLY A 100 -13.19 -10.30 22.43
CA GLY A 100 -13.60 -9.23 23.32
C GLY A 100 -12.78 -7.97 23.09
N ALA A 101 -11.61 -8.14 22.48
CA ALA A 101 -10.72 -7.01 22.20
C ALA A 101 -11.40 -5.98 21.30
N PHE A 102 -12.32 -6.45 20.47
CA PHE A 102 -13.00 -5.60 19.49
C PHE A 102 -14.49 -5.40 19.81
N ASP A 103 -14.85 -5.55 21.09
CA ASP A 103 -16.21 -5.28 21.53
C ASP A 103 -16.64 -3.85 21.18
N ASP A 104 -17.94 -3.66 20.99
CA ASP A 104 -18.54 -2.35 20.74
C ASP A 104 -18.15 -1.70 19.41
N LEU A 105 -17.27 -2.34 18.64
CA LEU A 105 -16.84 -1.78 17.35
C LEU A 105 -17.82 -2.17 16.26
N THR A 106 -19.11 -1.96 16.53
CA THR A 106 -20.18 -2.35 15.62
C THR A 106 -20.08 -1.65 14.27
N GLU A 107 -19.46 -0.47 14.26
CA GLU A 107 -19.44 0.38 13.09
C GLU A 107 -18.13 0.29 12.29
N LEU A 108 -17.13 -0.36 12.87
CA LEU A 108 -15.80 -0.42 12.26
C LEU A 108 -15.85 -1.00 10.84
N THR A 109 -15.26 -0.27 9.90
CA THR A 109 -15.32 -0.65 8.49
C THR A 109 -13.93 -1.00 7.95
N TYR A 110 -12.91 -0.38 8.54
CA TYR A 110 -11.53 -0.62 8.13
C TYR A 110 -10.63 -0.87 9.34
N LEU A 111 -10.09 -2.08 9.41
CA LEU A 111 -9.21 -2.47 10.51
C LEU A 111 -7.83 -2.87 9.99
N TYR A 112 -6.82 -2.10 10.39
CA TYR A 112 -5.44 -2.37 9.99
C TYR A 112 -4.64 -2.94 11.14
N LEU A 113 -4.24 -4.20 10.98
CA LEU A 113 -3.45 -4.91 11.99
C LEU A 113 -2.13 -5.40 11.40
N ASP A 114 -1.74 -4.81 10.27
CA ASP A 114 -0.55 -5.26 9.57
C ASP A 114 0.73 -4.95 10.32
N HIS A 115 1.78 -5.71 10.02
CA HIS A 115 3.09 -5.54 10.65
C HIS A 115 2.98 -5.64 12.17
N ASN A 116 2.49 -6.80 12.62
CA ASN A 116 2.43 -7.12 14.03
C ASN A 116 2.97 -8.55 14.22
N LYS A 117 2.66 -9.18 15.34
CA LYS A 117 3.15 -10.52 15.64
C LYS A 117 2.01 -11.49 15.95
N VAL A 118 0.86 -11.26 15.32
CA VAL A 118 -0.30 -12.12 15.52
C VAL A 118 -0.02 -13.50 14.94
N THR A 119 -0.40 -14.54 15.68
CA THR A 119 -0.08 -15.92 15.30
C THR A 119 -1.33 -16.74 15.02
N GLU A 120 -2.48 -16.28 15.50
CA GLU A 120 -3.74 -16.98 15.28
C GLU A 120 -4.94 -16.06 15.36
N LEU A 121 -6.02 -16.48 14.72
CA LEU A 121 -7.28 -15.75 14.72
C LEU A 121 -8.37 -16.60 15.38
N PRO A 122 -8.48 -16.53 16.71
CA PRO A 122 -9.42 -17.38 17.44
C PRO A 122 -10.89 -17.10 17.10
N ARG A 123 -11.75 -18.04 17.43
CA ARG A 123 -13.18 -17.90 17.15
C ARG A 123 -13.79 -16.78 17.98
N GLY A 124 -14.58 -15.94 17.33
CA GLY A 124 -15.29 -14.87 18.02
C GLY A 124 -14.50 -13.59 18.15
N LEU A 125 -13.27 -13.58 17.67
CA LEU A 125 -12.44 -12.37 17.74
C LEU A 125 -13.04 -11.27 16.90
N LEU A 126 -13.55 -11.63 15.72
CA LEU A 126 -14.11 -10.68 14.78
C LEU A 126 -15.64 -10.69 14.80
N SER A 127 -16.22 -11.31 15.82
CA SER A 127 -17.67 -11.46 15.90
C SER A 127 -18.42 -10.12 16.01
N PRO A 128 -17.86 -9.14 16.74
CA PRO A 128 -18.60 -7.87 16.82
C PRO A 128 -18.51 -7.05 15.53
N LEU A 129 -17.51 -7.34 14.70
CA LEU A 129 -17.21 -6.52 13.53
C LEU A 129 -18.10 -6.86 12.35
N VAL A 130 -19.38 -6.53 12.46
CA VAL A 130 -20.38 -6.91 11.46
C VAL A 130 -20.39 -5.97 10.25
N ASN A 131 -19.70 -4.84 10.38
CA ASN A 131 -19.64 -3.84 9.30
C ASN A 131 -18.25 -3.75 8.67
N LEU A 132 -17.35 -4.62 9.09
CA LEU A 132 -15.98 -4.59 8.59
C LEU A 132 -15.92 -4.91 7.09
N PHE A 133 -15.22 -4.07 6.34
CA PHE A 133 -15.06 -4.24 4.88
C PHE A 133 -13.64 -4.64 4.52
N ILE A 134 -12.66 -4.03 5.18
CA ILE A 134 -11.26 -4.36 4.96
C ILE A 134 -10.63 -4.85 6.25
N LEU A 135 -10.00 -6.02 6.17
CA LEU A 135 -9.21 -6.56 7.27
C LEU A 135 -7.76 -6.72 6.79
N GLN A 136 -6.92 -5.81 7.21
CA GLN A 136 -5.53 -5.76 6.78
C GLN A 136 -4.62 -6.43 7.82
N LEU A 137 -4.23 -7.67 7.54
CA LEU A 137 -3.43 -8.48 8.45
C LEU A 137 -2.07 -8.87 7.86
N ASN A 138 -1.64 -8.16 6.82
CA ASN A 138 -0.35 -8.45 6.20
C ASN A 138 0.80 -8.37 7.18
N ASN A 139 1.86 -9.12 6.91
CA ASN A 139 3.08 -9.08 7.72
C ASN A 139 2.83 -9.42 9.19
N ASN A 140 2.15 -10.53 9.42
CA ASN A 140 2.01 -11.12 10.75
C ASN A 140 2.65 -12.52 10.72
N LYS A 141 2.32 -13.35 11.70
CA LYS A 141 2.87 -14.70 11.77
C LYS A 141 1.77 -15.75 11.92
N ILE A 142 0.65 -15.51 11.28
CA ILE A 142 -0.46 -16.45 11.30
C ILE A 142 -0.09 -17.68 10.48
N ARG A 143 -0.29 -18.87 11.05
CA ARG A 143 0.13 -20.11 10.42
C ARG A 143 -1.05 -20.91 9.90
N GLU A 144 -2.23 -20.66 10.44
CA GLU A 144 -3.39 -21.49 10.14
C GLU A 144 -4.71 -20.74 10.31
N LEU A 145 -5.59 -20.90 9.33
CA LEU A 145 -6.96 -20.41 9.43
C LEU A 145 -7.89 -21.60 9.65
N ARG A 146 -8.74 -21.49 10.66
CA ARG A 146 -9.65 -22.57 11.02
C ARG A 146 -11.11 -22.12 10.91
N ALA A 147 -12.02 -23.08 11.03
CA ALA A 147 -13.44 -22.78 10.94
C ALA A 147 -13.86 -21.81 12.03
N GLY A 148 -14.54 -20.73 11.63
CA GLY A 148 -15.00 -19.73 12.56
C GLY A 148 -13.97 -18.64 12.83
N ALA A 149 -12.90 -18.63 12.04
CA ALA A 149 -11.84 -17.64 12.21
C ALA A 149 -12.33 -16.23 11.85
N PHE A 150 -13.33 -16.17 10.97
CA PHE A 150 -13.90 -14.90 10.54
C PHE A 150 -15.40 -14.84 10.82
N GLN A 151 -15.83 -15.60 11.83
CA GLN A 151 -17.24 -15.63 12.21
C GLN A 151 -17.72 -14.24 12.64
N GLY A 152 -18.82 -13.80 12.05
CA GLY A 152 -19.42 -12.52 12.39
C GLY A 152 -19.06 -11.43 11.39
N ALA A 153 -17.97 -11.62 10.66
CA ALA A 153 -17.53 -10.66 9.66
C ALA A 153 -18.45 -10.72 8.43
N LYS A 154 -19.70 -10.32 8.63
CA LYS A 154 -20.73 -10.41 7.61
C LYS A 154 -20.32 -9.84 6.25
N ASP A 155 -19.89 -8.58 6.25
CA ASP A 155 -19.70 -7.84 5.01
C ASP A 155 -18.23 -7.64 4.64
N LEU A 156 -17.35 -8.52 5.10
CA LEU A 156 -15.93 -8.42 4.75
C LEU A 156 -15.74 -8.63 3.25
N ARG A 157 -15.08 -7.66 2.62
CA ARG A 157 -14.87 -7.68 1.17
C ARG A 157 -13.41 -7.94 0.82
N TRP A 158 -12.51 -7.27 1.53
CA TRP A 158 -11.07 -7.37 1.28
C TRP A 158 -10.36 -8.00 2.46
N LEU A 159 -9.69 -9.12 2.23
CA LEU A 159 -8.93 -9.81 3.26
C LEU A 159 -7.46 -9.93 2.87
N TYR A 160 -6.61 -9.19 3.58
CA TYR A 160 -5.17 -9.16 3.31
C TYR A 160 -4.42 -10.03 4.30
N LEU A 161 -3.72 -11.05 3.79
CA LEU A 161 -2.95 -11.96 4.63
C LEU A 161 -1.60 -12.25 3.99
N SER A 162 -1.07 -11.28 3.26
CA SER A 162 0.24 -11.43 2.63
C SER A 162 1.34 -11.47 3.68
N GLU A 163 2.43 -12.16 3.34
CA GLU A 163 3.62 -12.23 4.19
C GLU A 163 3.31 -12.67 5.62
N ASN A 164 2.59 -13.79 5.73
CA ASN A 164 2.38 -14.46 7.01
C ASN A 164 3.16 -15.78 6.97
N ALA A 165 2.69 -16.80 7.68
CA ALA A 165 3.31 -18.13 7.63
C ALA A 165 2.25 -19.19 7.40
N LEU A 166 1.21 -18.84 6.66
CA LEU A 166 0.10 -19.74 6.40
C LEU A 166 0.55 -20.98 5.64
N SER A 167 0.12 -22.14 6.11
CA SER A 167 0.42 -23.41 5.47
C SER A 167 -0.81 -24.31 5.43
N SER A 168 -1.93 -23.80 5.93
CA SER A 168 -3.14 -24.61 6.01
C SER A 168 -4.39 -23.74 6.17
N LEU A 169 -5.37 -23.97 5.31
CA LEU A 169 -6.69 -23.38 5.44
C LEU A 169 -7.71 -24.48 5.64
N GLN A 170 -8.18 -24.63 6.88
CA GLN A 170 -9.14 -25.67 7.20
C GLN A 170 -10.43 -25.48 6.42
N PRO A 171 -11.14 -26.57 6.11
CA PRO A 171 -12.48 -26.41 5.53
C PRO A 171 -13.39 -25.64 6.49
N GLY A 172 -14.15 -24.70 5.96
CA GLY A 172 -15.03 -23.88 6.79
C GLY A 172 -14.37 -22.60 7.26
N ALA A 173 -13.11 -22.40 6.88
CA ALA A 173 -12.35 -21.25 7.34
C ALA A 173 -12.91 -19.93 6.80
N LEU A 174 -13.37 -19.96 5.55
CA LEU A 174 -13.89 -18.75 4.90
C LEU A 174 -15.41 -18.79 4.71
N ASP A 175 -16.08 -19.69 5.43
CA ASP A 175 -17.52 -19.85 5.26
C ASP A 175 -18.29 -18.62 5.75
N ASP A 176 -17.66 -17.81 6.60
CA ASP A 176 -18.34 -16.68 7.23
C ASP A 176 -18.19 -15.38 6.44
N VAL A 177 -17.42 -15.41 5.36
CA VAL A 177 -17.11 -14.22 4.56
C VAL A 177 -17.62 -14.37 3.12
N GLU A 178 -18.94 -14.40 2.97
CA GLU A 178 -19.56 -14.70 1.68
C GLU A 178 -19.35 -13.62 0.62
N ASN A 179 -19.25 -12.36 1.06
CA ASN A 179 -19.11 -11.25 0.13
C ASN A 179 -17.65 -10.92 -0.19
N LEU A 180 -16.75 -11.83 0.18
CA LEU A 180 -15.32 -11.62 -0.04
C LEU A 180 -15.01 -11.43 -1.53
N ALA A 181 -14.35 -10.31 -1.85
CA ALA A 181 -14.03 -9.98 -3.23
C ALA A 181 -12.51 -10.03 -3.48
N LYS A 182 -11.74 -9.56 -2.49
CA LYS A 182 -10.28 -9.58 -2.58
C LYS A 182 -9.69 -10.55 -1.56
N PHE A 183 -8.79 -11.40 -2.01
CA PHE A 183 -8.13 -12.35 -1.12
C PHE A 183 -6.65 -12.45 -1.45
N HIS A 184 -5.82 -11.88 -0.58
CA HIS A 184 -4.38 -11.91 -0.75
C HIS A 184 -3.73 -12.84 0.27
N VAL A 185 -3.10 -13.89 -0.22
CA VAL A 185 -2.35 -14.81 0.62
C VAL A 185 -0.99 -15.11 -0.02
N ASP A 186 -0.46 -14.12 -0.72
CA ASP A 186 0.84 -14.27 -1.34
C ASP A 186 1.94 -14.27 -0.28
N ARG A 187 3.10 -14.83 -0.64
CA ARG A 187 4.25 -14.92 0.26
C ARG A 187 3.88 -15.63 1.57
N ASN A 188 3.41 -16.87 1.44
CA ASN A 188 3.11 -17.71 2.59
C ASN A 188 3.71 -19.09 2.38
N GLN A 189 3.28 -20.07 3.17
CA GLN A 189 3.82 -21.43 3.13
C GLN A 189 2.79 -22.45 2.63
N LEU A 190 1.96 -22.03 1.68
CA LEU A 190 0.94 -22.92 1.13
C LEU A 190 1.57 -23.90 0.13
N SER A 191 1.64 -25.16 0.54
CA SER A 191 2.27 -26.20 -0.28
C SER A 191 1.26 -26.88 -1.19
N SER A 192 0.03 -26.39 -1.18
CA SER A 192 -1.00 -26.89 -2.08
C SER A 192 -2.15 -25.89 -2.18
N TYR A 193 -2.90 -25.97 -3.28
CA TYR A 193 -4.03 -25.08 -3.48
C TYR A 193 -5.13 -25.40 -2.47
N PRO A 194 -5.56 -24.40 -1.67
CA PRO A 194 -6.60 -24.68 -0.66
C PRO A 194 -8.00 -24.76 -1.27
N SER A 195 -8.32 -25.92 -1.84
CA SER A 195 -9.61 -26.11 -2.53
C SER A 195 -10.79 -26.01 -1.58
N ALA A 196 -10.77 -26.84 -0.53
CA ALA A 196 -11.91 -26.96 0.38
C ALA A 196 -12.30 -25.61 0.99
N ALA A 197 -11.31 -24.82 1.38
CA ALA A 197 -11.56 -23.55 2.02
C ALA A 197 -12.20 -22.55 1.06
N LEU A 198 -11.78 -22.58 -0.20
CA LEU A 198 -12.25 -21.61 -1.19
C LEU A 198 -13.52 -22.07 -1.90
N SER A 199 -13.84 -23.35 -1.79
CA SER A 199 -14.93 -23.96 -2.56
C SER A 199 -16.31 -23.42 -2.19
N LYS A 200 -16.40 -22.66 -1.10
CA LYS A 200 -17.68 -22.19 -0.59
C LYS A 200 -17.97 -20.75 -1.02
N LEU A 201 -16.94 -20.02 -1.44
CA LEU A 201 -17.11 -18.62 -1.86
C LEU A 201 -17.51 -18.52 -3.32
N ARG A 202 -18.38 -17.56 -3.64
CA ARG A 202 -18.99 -17.47 -4.96
C ARG A 202 -18.72 -16.17 -5.72
N VAL A 203 -18.24 -15.13 -5.02
CA VAL A 203 -18.09 -13.82 -5.65
C VAL A 203 -16.67 -13.24 -5.51
N VAL A 204 -15.68 -14.11 -5.40
CA VAL A 204 -14.28 -13.70 -5.34
C VAL A 204 -13.85 -13.13 -6.69
N GLU A 205 -13.27 -11.93 -6.66
CA GLU A 205 -12.89 -11.24 -7.89
C GLU A 205 -11.38 -11.18 -8.08
N GLU A 206 -10.63 -11.11 -6.98
CA GLU A 206 -9.17 -11.10 -7.03
C GLU A 206 -8.59 -12.14 -6.08
N LEU A 207 -7.78 -13.03 -6.64
CA LEU A 207 -7.14 -14.09 -5.85
C LEU A 207 -5.63 -14.03 -6.03
N LYS A 208 -4.94 -13.62 -4.96
CA LYS A 208 -3.49 -13.45 -5.00
C LYS A 208 -2.80 -14.58 -4.24
N LEU A 209 -2.09 -15.44 -4.97
CA LEU A 209 -1.45 -16.63 -4.41
C LEU A 209 0.05 -16.67 -4.71
N SER A 210 0.60 -15.54 -5.12
CA SER A 210 2.01 -15.46 -5.52
C SER A 210 2.95 -15.92 -4.41
N HIS A 211 4.10 -16.46 -4.80
CA HIS A 211 5.13 -16.87 -3.85
C HIS A 211 4.60 -17.88 -2.83
N ASN A 212 3.94 -18.92 -3.34
CA ASN A 212 3.55 -20.08 -2.55
C ASN A 212 3.88 -21.35 -3.34
N PRO A 213 4.60 -22.29 -2.72
CA PRO A 213 4.95 -23.51 -3.48
C PRO A 213 3.74 -24.40 -3.78
N LEU A 214 2.86 -23.93 -4.67
CA LEU A 214 1.63 -24.65 -4.97
C LEU A 214 1.87 -25.86 -5.87
N LYS A 215 2.90 -25.77 -6.72
CA LYS A 215 3.32 -26.86 -7.60
C LYS A 215 2.29 -27.22 -8.69
N SER A 216 1.00 -27.26 -8.35
CA SER A 216 -0.02 -27.54 -9.35
C SER A 216 -1.40 -27.02 -8.93
N ILE A 217 -2.25 -26.80 -9.92
CA ILE A 217 -3.63 -26.35 -9.70
C ILE A 217 -4.61 -27.49 -10.00
N PRO A 218 -5.42 -27.90 -9.00
CA PRO A 218 -6.32 -29.04 -9.17
C PRO A 218 -7.61 -28.71 -9.93
N ASP A 219 -8.40 -29.74 -10.25
CA ASP A 219 -9.66 -29.54 -10.95
C ASP A 219 -10.62 -28.68 -10.12
N ASN A 220 -11.43 -27.88 -10.82
CA ASN A 220 -12.44 -27.04 -10.19
C ASN A 220 -11.84 -26.08 -9.15
N ALA A 221 -10.62 -25.64 -9.40
CA ALA A 221 -9.94 -24.73 -8.48
C ALA A 221 -10.72 -23.43 -8.28
N PHE A 222 -11.44 -23.01 -9.32
CA PHE A 222 -12.06 -21.70 -9.32
C PHE A 222 -13.57 -21.71 -9.60
N GLN A 223 -14.14 -22.91 -9.72
CA GLN A 223 -15.51 -23.04 -10.20
C GLN A 223 -16.54 -22.33 -9.33
N SER A 224 -16.37 -22.43 -8.02
CA SER A 224 -17.34 -21.86 -7.08
C SER A 224 -17.51 -20.36 -7.32
N PHE A 225 -16.40 -19.65 -7.52
CA PHE A 225 -16.44 -18.21 -7.79
C PHE A 225 -15.99 -17.90 -9.21
N GLY A 226 -16.18 -18.88 -10.11
CA GLY A 226 -15.72 -18.76 -11.48
C GLY A 226 -16.44 -17.69 -12.30
N ARG A 227 -17.63 -17.28 -11.86
CA ARG A 227 -18.41 -16.29 -12.60
C ARG A 227 -18.03 -14.85 -12.24
N TYR A 228 -17.15 -14.70 -11.25
CA TYR A 228 -16.77 -13.38 -10.76
C TYR A 228 -15.26 -13.15 -10.78
N LEU A 229 -14.49 -14.22 -10.89
CA LEU A 229 -13.04 -14.11 -10.85
C LEU A 229 -12.50 -13.34 -12.06
N GLU A 230 -11.85 -12.21 -11.79
CA GLU A 230 -11.32 -11.35 -12.84
C GLU A 230 -9.79 -11.26 -12.82
N THR A 231 -9.21 -11.37 -11.63
CA THR A 231 -7.76 -11.24 -11.46
C THR A 231 -7.20 -12.43 -10.69
N LEU A 232 -6.16 -13.05 -11.26
CA LEU A 232 -5.54 -14.23 -10.68
C LEU A 232 -4.03 -14.13 -10.72
N TRP A 233 -3.40 -14.18 -9.55
CA TRP A 233 -1.95 -14.16 -9.44
C TRP A 233 -1.43 -15.55 -9.07
N LEU A 234 -0.65 -16.15 -9.95
CA LEU A 234 0.00 -17.43 -9.68
C LEU A 234 1.47 -17.38 -10.01
N ASP A 235 2.03 -16.17 -10.01
CA ASP A 235 3.45 -15.98 -10.27
C ASP A 235 4.29 -16.56 -9.13
N ASN A 236 5.44 -17.14 -9.48
CA ASN A 236 6.36 -17.69 -8.48
C ASN A 236 5.67 -18.69 -7.57
N THR A 237 4.92 -19.63 -8.16
CA THR A 237 4.26 -20.67 -7.39
C THR A 237 4.82 -22.05 -7.73
N ASN A 238 6.01 -22.07 -8.33
CA ASN A 238 6.67 -23.32 -8.72
C ASN A 238 5.73 -24.19 -9.55
N LEU A 239 4.89 -23.55 -10.36
CA LEU A 239 3.81 -24.24 -11.05
C LEU A 239 4.32 -25.09 -12.20
N GLU A 240 4.02 -26.39 -12.14
CA GLU A 240 4.41 -27.33 -13.17
C GLU A 240 3.34 -27.44 -14.26
N LYS A 241 2.08 -27.42 -13.85
CA LYS A 241 0.98 -27.52 -14.79
C LYS A 241 -0.38 -27.20 -14.16
N PHE A 242 -1.37 -26.99 -15.01
CA PHE A 242 -2.76 -26.91 -14.61
C PHE A 242 -3.45 -28.24 -14.87
N SER A 243 -4.34 -28.65 -13.99
CA SER A 243 -5.15 -29.84 -14.24
C SER A 243 -6.11 -29.53 -15.38
N ASP A 244 -6.61 -30.56 -16.04
CA ASP A 244 -7.48 -30.38 -17.20
C ASP A 244 -8.76 -29.62 -16.85
N GLY A 245 -9.24 -29.79 -15.62
CA GLY A 245 -10.47 -29.16 -15.18
C GLY A 245 -10.25 -27.99 -14.24
N ALA A 246 -9.04 -27.44 -14.25
CA ALA A 246 -8.68 -26.36 -13.34
C ALA A 246 -9.50 -25.11 -13.60
N PHE A 247 -9.76 -24.81 -14.87
CA PHE A 247 -10.48 -23.61 -15.26
C PHE A 247 -11.93 -23.90 -15.65
N LEU A 248 -12.50 -24.95 -15.08
CA LEU A 248 -13.91 -25.26 -15.29
C LEU A 248 -14.78 -24.18 -14.65
N GLY A 249 -15.66 -23.59 -15.46
CA GLY A 249 -16.61 -22.61 -14.96
C GLY A 249 -16.05 -21.21 -14.81
N VAL A 250 -14.89 -20.96 -15.40
CA VAL A 250 -14.26 -19.63 -15.39
C VAL A 250 -14.70 -18.86 -16.63
N THR A 251 -15.48 -17.80 -16.42
CA THR A 251 -16.19 -17.15 -17.53
C THR A 251 -15.94 -15.65 -17.68
N THR A 252 -15.10 -15.07 -16.82
CA THR A 252 -14.83 -13.64 -16.91
C THR A 252 -13.44 -13.26 -16.40
N LEU A 253 -12.48 -14.17 -16.56
CA LEU A 253 -11.11 -13.93 -16.13
C LEU A 253 -10.43 -12.93 -17.06
N LYS A 254 -9.95 -11.82 -16.50
CA LYS A 254 -9.39 -10.71 -17.29
C LYS A 254 -7.89 -10.54 -17.15
N HIS A 255 -7.37 -10.78 -15.95
CA HIS A 255 -5.95 -10.55 -15.67
C HIS A 255 -5.33 -11.76 -14.97
N VAL A 256 -4.28 -12.30 -15.59
CA VAL A 256 -3.58 -13.48 -15.07
C VAL A 256 -2.08 -13.24 -15.01
N HIS A 257 -1.47 -13.71 -13.92
CA HIS A 257 -0.01 -13.63 -13.75
C HIS A 257 0.57 -15.02 -13.52
N LEU A 258 1.38 -15.48 -14.48
CA LEU A 258 1.96 -16.83 -14.44
C LEU A 258 3.48 -16.81 -14.50
N GLU A 259 4.08 -15.62 -14.43
CA GLU A 259 5.52 -15.49 -14.61
C GLU A 259 6.29 -16.24 -13.53
N ASN A 260 7.50 -16.67 -13.88
CA ASN A 260 8.40 -17.35 -12.95
C ASN A 260 7.81 -18.68 -12.46
N ASN A 261 7.63 -19.61 -13.39
CA ASN A 261 7.14 -20.94 -13.07
C ASN A 261 7.79 -21.96 -14.00
N ARG A 262 7.33 -23.21 -13.93
CA ARG A 262 7.87 -24.29 -14.75
C ARG A 262 6.83 -24.82 -15.73
N LEU A 263 5.98 -23.92 -16.22
CA LEU A 263 4.93 -24.31 -17.16
C LEU A 263 5.49 -24.54 -18.57
N ASN A 264 5.13 -25.67 -19.16
CA ASN A 264 5.47 -25.97 -20.56
C ASN A 264 4.24 -25.90 -21.46
N GLN A 265 3.08 -26.11 -20.86
CA GLN A 265 1.83 -26.18 -21.59
C GLN A 265 0.71 -25.40 -20.91
N LEU A 266 -0.42 -25.31 -21.59
CA LEU A 266 -1.64 -24.78 -21.02
C LEU A 266 -2.77 -25.77 -21.26
N PRO A 267 -3.78 -25.79 -20.37
CA PRO A 267 -4.93 -26.66 -20.61
C PRO A 267 -5.75 -26.19 -21.81
N SER A 268 -6.44 -27.12 -22.47
CA SER A 268 -7.19 -26.79 -23.68
C SER A 268 -8.35 -25.84 -23.38
N ASN A 269 -8.88 -25.91 -22.15
CA ASN A 269 -10.01 -25.06 -21.76
C ASN A 269 -9.55 -23.76 -21.11
N PHE A 270 -8.29 -23.37 -21.35
CA PHE A 270 -7.79 -22.12 -20.80
C PHE A 270 -8.62 -20.96 -21.36
N PRO A 271 -9.25 -20.16 -20.47
CA PRO A 271 -10.18 -19.13 -20.96
C PRO A 271 -9.48 -17.90 -21.52
N PHE A 272 -9.51 -17.76 -22.85
CA PHE A 272 -8.92 -16.60 -23.51
C PHE A 272 -9.98 -15.56 -23.90
N ASP A 273 -11.25 -15.91 -23.74
CA ASP A 273 -12.34 -15.11 -24.28
C ASP A 273 -12.48 -13.72 -23.64
N SER A 274 -12.21 -13.64 -22.34
CA SER A 274 -12.30 -12.36 -21.62
C SER A 274 -10.92 -11.87 -21.19
N LEU A 275 -9.88 -12.59 -21.58
CA LEU A 275 -8.52 -12.29 -21.12
C LEU A 275 -7.98 -11.01 -21.74
N GLU A 276 -7.46 -10.12 -20.89
CA GLU A 276 -6.92 -8.84 -21.34
C GLU A 276 -5.41 -8.76 -21.16
N THR A 277 -4.93 -9.18 -19.99
CA THR A 277 -3.49 -9.20 -19.70
C THR A 277 -3.05 -10.58 -19.21
N LEU A 278 -1.89 -11.00 -19.69
CA LEU A 278 -1.33 -12.31 -19.33
C LEU A 278 0.19 -12.26 -19.27
N ALA A 279 0.74 -12.29 -18.06
CA ALA A 279 2.18 -12.33 -17.87
C ALA A 279 2.66 -13.78 -17.85
N LEU A 280 3.58 -14.12 -18.74
CA LEU A 280 3.97 -15.51 -18.96
C LEU A 280 5.47 -15.68 -19.16
N THR A 281 6.25 -14.67 -18.79
CA THR A 281 7.70 -14.73 -18.93
C THR A 281 8.32 -15.64 -17.89
N ASN A 282 9.51 -16.16 -18.20
CA ASN A 282 10.23 -17.08 -17.33
C ASN A 282 9.45 -18.38 -17.12
N ASN A 283 9.05 -18.99 -18.23
CA ASN A 283 8.48 -20.32 -18.23
C ASN A 283 9.07 -21.14 -19.37
N PRO A 284 9.36 -22.43 -19.12
CA PRO A 284 9.91 -23.27 -20.19
C PRO A 284 8.83 -23.69 -21.18
N TRP A 285 8.22 -22.72 -21.85
CA TRP A 285 7.09 -22.99 -22.74
C TRP A 285 7.46 -23.97 -23.85
N LYS A 286 6.57 -24.94 -24.07
CA LYS A 286 6.73 -25.90 -25.15
C LYS A 286 5.88 -25.47 -26.35
N CYS A 287 6.54 -25.00 -27.40
CA CYS A 287 5.84 -24.53 -28.59
C CYS A 287 5.37 -25.68 -29.47
N THR A 288 4.25 -26.29 -29.08
CA THR A 288 3.64 -27.37 -29.85
C THR A 288 2.17 -27.07 -30.08
N CYS A 289 1.44 -28.02 -30.64
CA CYS A 289 0.05 -27.82 -31.00
C CYS A 289 -0.81 -27.34 -29.85
N GLN A 290 -0.59 -27.90 -28.66
CA GLN A 290 -1.44 -27.59 -27.51
C GLN A 290 -1.34 -26.12 -27.09
N LEU A 291 -0.37 -25.39 -27.64
CA LEU A 291 -0.15 -23.98 -27.27
C LEU A 291 -0.68 -23.02 -28.34
N ARG A 292 -1.47 -23.54 -29.29
CA ARG A 292 -1.98 -22.73 -30.39
C ARG A 292 -3.00 -21.70 -29.90
N GLY A 293 -3.71 -22.04 -28.83
CA GLY A 293 -4.72 -21.16 -28.27
C GLY A 293 -4.08 -19.89 -27.76
N LEU A 294 -2.94 -20.04 -27.10
CA LEU A 294 -2.17 -18.90 -26.61
C LEU A 294 -1.63 -18.11 -27.80
N ARG A 295 -1.17 -18.82 -28.83
CA ARG A 295 -0.67 -18.19 -30.04
C ARG A 295 -1.76 -17.36 -30.71
N ARG A 296 -2.96 -17.91 -30.81
CA ARG A 296 -4.08 -17.23 -31.45
C ARG A 296 -4.49 -15.98 -30.67
N TRP A 297 -4.32 -16.03 -29.35
CA TRP A 297 -4.67 -14.91 -28.49
C TRP A 297 -3.68 -13.76 -28.61
N LEU A 298 -2.39 -14.09 -28.72
CA LEU A 298 -1.35 -13.08 -28.80
C LEU A 298 -1.41 -12.29 -30.11
N GLU A 299 -1.82 -12.95 -31.18
CA GLU A 299 -1.88 -12.30 -32.49
C GLU A 299 -3.22 -11.60 -32.72
N ALA A 300 -4.04 -11.52 -31.67
CA ALA A 300 -5.32 -10.83 -31.74
C ALA A 300 -5.15 -9.36 -31.32
N LYS A 301 -4.08 -9.09 -30.57
CA LYS A 301 -3.75 -7.75 -30.14
C LYS A 301 -2.25 -7.65 -29.89
N ALA A 302 -1.58 -6.85 -30.71
CA ALA A 302 -0.11 -6.83 -30.77
C ALA A 302 0.54 -6.34 -29.47
N SER A 303 -0.15 -5.49 -28.72
CA SER A 303 0.42 -4.90 -27.51
C SER A 303 0.58 -5.93 -26.39
N ARG A 304 -0.03 -7.10 -26.55
CA ARG A 304 0.04 -8.15 -25.54
C ARG A 304 1.43 -8.79 -25.49
N PRO A 305 2.17 -8.62 -24.39
CA PRO A 305 3.52 -9.19 -24.33
C PRO A 305 3.53 -10.72 -24.40
N ASP A 306 4.65 -11.27 -24.84
CA ASP A 306 4.83 -12.72 -24.94
C ASP A 306 6.14 -13.14 -24.27
N ALA A 307 6.62 -14.33 -24.59
CA ALA A 307 7.89 -14.82 -24.07
C ALA A 307 8.51 -15.79 -25.08
N THR A 308 9.46 -16.60 -24.62
CA THR A 308 10.21 -17.49 -25.50
C THR A 308 9.95 -18.96 -25.19
N CYS A 309 10.05 -19.80 -26.21
CA CYS A 309 9.91 -21.25 -26.03
C CYS A 309 11.23 -21.87 -25.59
N ALA A 310 11.15 -22.82 -24.68
CA ALA A 310 12.33 -23.57 -24.25
C ALA A 310 12.44 -24.87 -25.04
N SER A 311 11.38 -25.23 -25.76
CA SER A 311 11.34 -26.46 -26.54
C SER A 311 10.20 -26.40 -27.56
N PRO A 312 10.23 -27.25 -28.59
CA PRO A 312 11.27 -28.26 -28.89
C PRO A 312 12.56 -27.61 -29.38
N ALA A 313 13.57 -28.45 -29.67
CA ALA A 313 14.90 -27.99 -30.01
C ALA A 313 14.92 -27.01 -31.17
N LYS A 314 14.15 -27.30 -32.21
CA LYS A 314 14.16 -26.50 -33.44
C LYS A 314 13.81 -25.04 -33.19
N PHE A 315 12.91 -24.77 -32.26
CA PHE A 315 12.40 -23.42 -32.02
C PHE A 315 12.86 -22.85 -30.69
N LYS A 316 13.91 -23.44 -30.11
CA LYS A 316 14.41 -23.02 -28.80
C LYS A 316 14.91 -21.59 -28.84
N GLY A 317 14.28 -20.72 -28.06
CA GLY A 317 14.70 -19.33 -27.95
C GLY A 317 13.84 -18.36 -28.76
N GLN A 318 13.02 -18.90 -29.66
CA GLN A 318 12.16 -18.06 -30.49
C GLN A 318 10.95 -17.57 -29.70
N HIS A 319 10.40 -16.44 -30.12
CA HIS A 319 9.22 -15.88 -29.47
C HIS A 319 7.95 -16.60 -29.93
N ILE A 320 6.98 -16.71 -29.03
CA ILE A 320 5.74 -17.44 -29.32
C ILE A 320 5.01 -16.85 -30.51
N ARG A 321 5.08 -15.53 -30.64
CA ARG A 321 4.33 -14.82 -31.67
C ARG A 321 5.06 -14.81 -33.02
N ASP A 322 6.36 -15.08 -33.00
CA ASP A 322 7.19 -14.99 -34.20
C ASP A 322 7.53 -16.37 -34.79
N THR A 323 7.53 -17.39 -33.94
CA THR A 323 7.97 -18.73 -34.35
C THR A 323 7.05 -19.38 -35.38
N ASP A 324 7.58 -20.39 -36.08
CA ASP A 324 6.83 -21.14 -37.09
C ASP A 324 6.48 -22.54 -36.59
N ALA A 325 6.33 -22.68 -35.28
CA ALA A 325 6.09 -23.98 -34.68
C ALA A 325 4.61 -24.38 -34.74
N PHE A 326 3.74 -23.43 -35.08
CA PHE A 326 2.30 -23.68 -35.09
C PHE A 326 1.73 -23.74 -36.50
N ARG A 327 2.61 -23.80 -37.50
CA ARG A 327 2.17 -23.85 -38.90
C ARG A 327 1.58 -25.22 -39.24
N SER A 328 2.12 -26.26 -38.63
CA SER A 328 1.71 -27.63 -38.93
C SER A 328 0.48 -28.07 -38.14
N CYS A 329 -0.28 -27.10 -37.66
CA CYS A 329 -1.53 -27.38 -36.94
C CYS A 329 -2.54 -26.26 -37.16
N LYS A 330 -3.77 -26.64 -37.48
CA LYS A 330 -4.81 -25.68 -37.83
C LYS A 330 -6.20 -26.20 -37.44
N ALA B 4 -34.96 9.74 2.42
CA ALA B 4 -35.76 9.11 3.47
C ALA B 4 -35.14 7.78 3.91
N ALA B 5 -35.18 6.79 3.02
CA ALA B 5 -34.64 5.48 3.30
C ALA B 5 -33.39 5.22 2.44
N CYS B 6 -33.01 3.95 2.30
CA CYS B 6 -31.84 3.57 1.52
C CYS B 6 -32.12 3.71 0.01
N PRO B 7 -31.13 4.21 -0.76
CA PRO B 7 -31.31 4.31 -2.22
C PRO B 7 -31.48 2.95 -2.87
N GLN B 8 -32.41 2.83 -3.83
CA GLN B 8 -32.64 1.56 -4.49
C GLN B 8 -31.36 1.09 -5.18
N ASN B 9 -31.18 -0.23 -5.21
CA ASN B 9 -30.00 -0.85 -5.80
C ASN B 9 -28.72 -0.53 -5.03
N CYS B 10 -28.85 -0.12 -3.78
CA CYS B 10 -27.69 0.10 -2.91
C CYS B 10 -27.85 -0.66 -1.60
N HIS B 11 -26.72 -1.03 -1.00
CA HIS B 11 -26.72 -1.71 0.29
C HIS B 11 -26.38 -0.70 1.39
N CYS B 12 -27.36 -0.42 2.24
CA CYS B 12 -27.16 0.49 3.38
C CYS B 12 -26.99 -0.30 4.67
N HIS B 13 -26.19 0.25 5.58
CA HIS B 13 -25.84 -0.47 6.79
C HIS B 13 -25.81 0.46 8.01
N SER B 14 -26.09 -0.12 9.18
CA SER B 14 -26.02 0.60 10.44
C SER B 14 -26.99 1.77 10.50
N ASP B 15 -28.25 1.49 10.17
CA ASP B 15 -29.29 2.50 10.17
C ASP B 15 -28.93 3.66 9.24
N LEU B 16 -28.61 3.32 8.00
CA LEU B 16 -28.35 4.29 6.94
C LEU B 16 -27.14 5.19 7.23
N GLN B 17 -26.26 4.75 8.12
CA GLN B 17 -25.03 5.51 8.40
C GLN B 17 -23.98 5.24 7.33
N HIS B 18 -23.96 4.01 6.83
CA HIS B 18 -23.04 3.62 5.77
C HIS B 18 -23.83 3.20 4.53
N VAL B 19 -23.60 3.92 3.44
CA VAL B 19 -24.25 3.64 2.16
C VAL B 19 -23.19 3.17 1.16
N ILE B 20 -23.40 1.97 0.62
CA ILE B 20 -22.49 1.40 -0.37
C ILE B 20 -23.24 1.10 -1.66
N CYS B 21 -22.78 1.74 -2.74
CA CYS B 21 -23.34 1.52 -4.08
C CYS B 21 -22.22 1.03 -5.00
N ASP B 22 -21.74 -0.18 -4.75
CA ASP B 22 -20.60 -0.74 -5.47
C ASP B 22 -21.01 -1.41 -6.78
N LYS B 23 -20.61 -0.80 -7.89
CA LYS B 23 -20.81 -1.38 -9.23
C LYS B 23 -22.29 -1.67 -9.49
N VAL B 24 -23.09 -0.61 -9.59
CA VAL B 24 -24.53 -0.73 -9.81
C VAL B 24 -25.00 0.19 -10.93
N GLY B 25 -24.06 0.65 -11.75
CA GLY B 25 -24.37 1.36 -12.97
C GLY B 25 -24.83 2.80 -12.81
N LEU B 26 -24.52 3.41 -11.67
CA LEU B 26 -24.91 4.80 -11.44
C LEU B 26 -24.17 5.76 -12.37
N GLN B 27 -24.88 6.78 -12.85
CA GLN B 27 -24.29 7.84 -13.65
C GLN B 27 -24.50 9.21 -13.00
N LYS B 28 -25.32 9.23 -11.97
CA LYS B 28 -25.54 10.43 -11.17
C LYS B 28 -25.40 10.08 -9.69
N ILE B 29 -25.00 11.07 -8.88
CA ILE B 29 -24.89 10.85 -7.45
C ILE B 29 -26.29 10.65 -6.86
N PRO B 30 -26.49 9.55 -6.11
CA PRO B 30 -27.82 9.26 -5.57
C PRO B 30 -28.20 10.14 -4.38
N LYS B 31 -29.50 10.28 -4.15
CA LYS B 31 -30.00 10.94 -2.95
C LYS B 31 -29.86 10.01 -1.75
N VAL B 32 -29.24 10.49 -0.68
CA VAL B 32 -29.09 9.71 0.53
C VAL B 32 -29.61 10.47 1.74
N SER B 33 -29.72 9.78 2.87
CA SER B 33 -30.22 10.39 4.09
C SER B 33 -29.22 11.44 4.60
N GLU B 34 -29.73 12.36 5.42
CA GLU B 34 -28.89 13.40 5.99
C GLU B 34 -27.88 12.81 6.98
N LYS B 35 -28.19 11.64 7.50
CA LYS B 35 -27.36 11.02 8.54
C LYS B 35 -26.25 10.14 7.94
N THR B 36 -26.13 10.13 6.62
CA THR B 36 -25.08 9.36 5.97
C THR B 36 -23.70 9.88 6.38
N LYS B 37 -22.87 9.00 6.93
CA LYS B 37 -21.53 9.36 7.34
C LYS B 37 -20.51 8.84 6.34
N LEU B 38 -20.79 7.67 5.78
CA LEU B 38 -19.90 7.07 4.78
C LEU B 38 -20.67 6.77 3.51
N LEU B 39 -20.13 7.24 2.38
CA LEU B 39 -20.72 6.99 1.07
C LEU B 39 -19.70 6.34 0.15
N ASN B 40 -20.01 5.14 -0.31
CA ASN B 40 -19.12 4.39 -1.20
C ASN B 40 -19.78 4.18 -2.55
N LEU B 41 -19.23 4.82 -3.57
CA LEU B 41 -19.78 4.75 -4.92
C LEU B 41 -18.77 4.16 -5.91
N GLN B 42 -17.90 3.30 -5.42
CA GLN B 42 -16.84 2.71 -6.23
C GLN B 42 -17.39 1.98 -7.45
N ARG B 43 -16.61 1.99 -8.53
CA ARG B 43 -16.88 1.22 -9.73
C ARG B 43 -18.20 1.61 -10.41
N ASN B 44 -18.51 2.90 -10.41
CA ASN B 44 -19.62 3.43 -11.18
C ASN B 44 -19.08 4.25 -12.37
N ASN B 45 -19.83 5.25 -12.82
CA ASN B 45 -19.44 6.01 -14.01
C ASN B 45 -19.80 7.50 -13.90
N PHE B 46 -18.83 8.30 -13.47
CA PHE B 46 -19.01 9.74 -13.29
C PHE B 46 -17.93 10.53 -14.03
N PRO B 47 -18.02 10.57 -15.38
CA PRO B 47 -16.97 11.22 -16.18
C PRO B 47 -16.67 12.65 -15.73
N VAL B 48 -17.72 13.37 -15.31
CA VAL B 48 -17.57 14.73 -14.81
C VAL B 48 -18.27 14.88 -13.46
N LEU B 49 -17.51 15.22 -12.43
CA LEU B 49 -18.07 15.59 -11.14
C LEU B 49 -18.49 17.05 -11.18
N ALA B 50 -19.76 17.29 -11.46
CA ALA B 50 -20.27 18.65 -11.56
C ALA B 50 -20.23 19.36 -10.22
N ALA B 51 -20.39 20.68 -10.25
CA ALA B 51 -20.47 21.48 -9.04
C ALA B 51 -21.66 21.04 -8.19
N ASN B 52 -21.49 21.08 -6.87
CA ASN B 52 -22.57 20.76 -5.93
C ASN B 52 -23.15 19.36 -6.16
N SER B 53 -22.27 18.39 -6.40
CA SER B 53 -22.71 17.02 -6.69
C SER B 53 -23.05 16.23 -5.42
N PHE B 54 -22.65 16.76 -4.26
CA PHE B 54 -22.81 16.05 -3.00
C PHE B 54 -23.48 16.91 -1.93
N ARG B 55 -24.45 17.71 -2.34
CA ARG B 55 -25.18 18.55 -1.39
C ARG B 55 -26.13 17.70 -0.56
N ALA B 56 -26.63 18.29 0.52
CA ALA B 56 -27.50 17.59 1.47
C ALA B 56 -26.81 16.35 2.03
N MET B 57 -25.52 16.48 2.33
CA MET B 57 -24.75 15.44 3.00
C MET B 57 -23.87 16.08 4.07
N PRO B 58 -24.50 16.68 5.08
CA PRO B 58 -23.77 17.51 6.04
C PRO B 58 -22.83 16.70 6.94
N ASN B 59 -23.23 15.47 7.26
CA ASN B 59 -22.49 14.67 8.22
C ASN B 59 -21.52 13.68 7.58
N LEU B 60 -21.31 13.80 6.27
CA LEU B 60 -20.44 12.88 5.55
C LEU B 60 -18.99 13.08 5.95
N VAL B 61 -18.36 12.00 6.42
CA VAL B 61 -16.97 12.05 6.88
C VAL B 61 -16.04 11.25 5.97
N SER B 62 -16.62 10.41 5.11
CA SER B 62 -15.82 9.54 4.24
C SER B 62 -16.52 9.30 2.91
N LEU B 63 -15.82 9.63 1.82
CA LEU B 63 -16.36 9.51 0.47
C LEU B 63 -15.42 8.72 -0.45
N HIS B 64 -15.95 7.67 -1.04
CA HIS B 64 -15.15 6.75 -1.87
C HIS B 64 -15.63 6.77 -3.32
N LEU B 65 -14.75 7.18 -4.23
CA LEU B 65 -15.10 7.33 -5.64
C LEU B 65 -14.07 6.66 -6.56
N GLN B 66 -13.44 5.61 -6.08
CA GLN B 66 -12.45 4.91 -6.90
C GLN B 66 -13.10 4.21 -8.10
N HIS B 67 -12.35 4.12 -9.20
CA HIS B 67 -12.78 3.35 -10.37
C HIS B 67 -14.09 3.84 -10.96
N CYS B 68 -14.31 5.16 -10.93
CA CYS B 68 -15.54 5.74 -11.46
C CYS B 68 -15.33 6.42 -12.82
N GLN B 69 -14.16 6.21 -13.41
CA GLN B 69 -13.84 6.74 -14.74
C GLN B 69 -13.99 8.26 -14.78
N ILE B 70 -13.73 8.92 -13.66
CA ILE B 70 -13.80 10.37 -13.58
C ILE B 70 -12.63 10.97 -14.36
N ARG B 71 -12.94 11.88 -15.30
CA ARG B 71 -11.90 12.54 -16.08
C ARG B 71 -11.79 14.03 -15.73
N GLU B 72 -12.85 14.57 -15.12
CA GLU B 72 -12.86 15.99 -14.77
C GLU B 72 -13.57 16.23 -13.44
N VAL B 73 -13.00 17.12 -12.64
CA VAL B 73 -13.62 17.59 -11.43
C VAL B 73 -13.86 19.10 -11.56
N ALA B 74 -15.12 19.49 -11.65
CA ALA B 74 -15.47 20.89 -11.82
C ALA B 74 -15.28 21.66 -10.52
N ALA B 75 -15.26 22.99 -10.63
CA ALA B 75 -15.12 23.84 -9.45
C ALA B 75 -16.32 23.68 -8.53
N GLY B 76 -16.06 23.56 -7.24
CA GLY B 76 -17.11 23.45 -6.24
C GLY B 76 -17.84 22.12 -6.23
N ALA B 77 -17.20 21.10 -6.76
CA ALA B 77 -17.81 19.77 -6.83
C ALA B 77 -18.11 19.20 -5.44
N PHE B 78 -17.28 19.56 -4.47
CA PHE B 78 -17.41 19.00 -3.12
C PHE B 78 -17.94 20.03 -2.11
N ARG B 79 -18.63 21.06 -2.60
CA ARG B 79 -19.20 22.07 -1.71
C ARG B 79 -20.20 21.44 -0.76
N GLY B 80 -20.25 21.97 0.46
CA GLY B 80 -21.17 21.49 1.48
C GLY B 80 -20.63 20.33 2.29
N LEU B 81 -19.47 19.81 1.91
CA LEU B 81 -18.85 18.69 2.61
C LEU B 81 -17.83 19.19 3.63
N LYS B 82 -18.31 20.03 4.55
CA LYS B 82 -17.43 20.66 5.54
C LYS B 82 -17.00 19.70 6.65
N GLN B 83 -17.55 18.50 6.64
CA GLN B 83 -17.24 17.49 7.65
C GLN B 83 -16.45 16.31 7.08
N LEU B 84 -16.14 16.38 5.78
CA LEU B 84 -15.44 15.28 5.12
C LEU B 84 -14.00 15.17 5.61
N ILE B 85 -13.61 13.98 6.03
CA ILE B 85 -12.26 13.71 6.52
C ILE B 85 -11.46 12.91 5.50
N TYR B 86 -12.10 11.90 4.91
CA TYR B 86 -11.48 11.05 3.88
C TYR B 86 -12.10 11.30 2.52
N LEU B 87 -11.26 11.32 1.48
CA LEU B 87 -11.72 11.43 0.11
C LEU B 87 -10.84 10.59 -0.82
N TYR B 88 -11.43 9.52 -1.36
CA TYR B 88 -10.71 8.61 -2.25
C TYR B 88 -11.10 8.83 -3.70
N LEU B 89 -10.20 9.41 -4.47
CA LEU B 89 -10.41 9.62 -5.91
C LEU B 89 -9.42 8.78 -6.71
N SER B 90 -8.90 7.74 -6.08
CA SER B 90 -7.88 6.88 -6.69
C SER B 90 -8.43 6.09 -7.87
N HIS B 91 -7.52 5.68 -8.77
CA HIS B 91 -7.86 4.81 -9.90
C HIS B 91 -9.01 5.37 -10.75
N ASN B 92 -8.86 6.61 -11.18
CA ASN B 92 -9.78 7.22 -12.14
C ASN B 92 -8.98 7.66 -13.37
N ASP B 93 -9.58 8.51 -14.20
CA ASP B 93 -8.94 8.98 -15.43
C ASP B 93 -8.82 10.50 -15.40
N ILE B 94 -8.63 11.04 -14.20
CA ILE B 94 -8.65 12.48 -13.99
C ILE B 94 -7.49 13.20 -14.68
N ARG B 95 -7.85 14.08 -15.61
CA ARG B 95 -6.88 14.91 -16.32
C ARG B 95 -7.09 16.38 -15.98
N VAL B 96 -8.33 16.72 -15.66
CA VAL B 96 -8.72 18.11 -15.41
C VAL B 96 -9.11 18.34 -13.96
N LEU B 97 -8.38 19.23 -13.30
CA LEU B 97 -8.70 19.67 -11.95
C LEU B 97 -8.88 21.19 -11.95
N ARG B 98 -10.12 21.61 -12.12
CA ARG B 98 -10.44 23.04 -12.24
C ARG B 98 -10.14 23.80 -10.95
N ALA B 99 -9.88 25.10 -11.09
CA ALA B 99 -9.65 25.95 -9.94
C ALA B 99 -10.89 26.01 -9.07
N GLY B 100 -10.74 25.71 -7.78
CA GLY B 100 -11.85 25.70 -6.86
C GLY B 100 -12.52 24.33 -6.77
N ALA B 101 -11.85 23.31 -7.30
CA ALA B 101 -12.38 21.96 -7.28
C ALA B 101 -12.53 21.44 -5.85
N PHE B 102 -11.63 21.87 -4.97
CA PHE B 102 -11.58 21.38 -3.60
C PHE B 102 -12.14 22.38 -2.58
N ASP B 103 -12.92 23.35 -3.06
CA ASP B 103 -13.52 24.34 -2.17
C ASP B 103 -14.43 23.69 -1.12
N ASP B 104 -14.49 24.33 0.04
CA ASP B 104 -15.36 23.91 1.16
C ASP B 104 -14.87 22.65 1.91
N LEU B 105 -13.83 22.00 1.41
CA LEU B 105 -13.28 20.82 2.09
C LEU B 105 -12.27 21.25 3.16
N THR B 106 -12.74 22.04 4.12
CA THR B 106 -11.88 22.64 5.14
C THR B 106 -11.36 21.63 6.16
N GLU B 107 -12.09 20.54 6.36
CA GLU B 107 -11.72 19.52 7.35
C GLU B 107 -11.02 18.31 6.73
N LEU B 108 -10.94 18.27 5.40
CA LEU B 108 -10.36 17.11 4.72
C LEU B 108 -8.92 16.88 5.18
N THR B 109 -8.66 15.65 5.63
CA THR B 109 -7.37 15.29 6.22
C THR B 109 -6.59 14.36 5.30
N TYR B 110 -7.29 13.47 4.61
CA TYR B 110 -6.67 12.49 3.73
C TYR B 110 -7.29 12.57 2.33
N LEU B 111 -6.44 12.85 1.35
CA LEU B 111 -6.85 12.94 -0.04
C LEU B 111 -6.03 11.99 -0.90
N TYR B 112 -6.72 11.04 -1.54
CA TYR B 112 -6.08 10.05 -2.40
C TYR B 112 -6.41 10.33 -3.86
N LEU B 113 -5.39 10.72 -4.61
CA LEU B 113 -5.52 11.04 -6.02
C LEU B 113 -4.64 10.14 -6.88
N ASP B 114 -4.13 9.08 -6.26
CA ASP B 114 -3.21 8.17 -6.93
C ASP B 114 -3.84 7.42 -8.10
N HIS B 115 -3.01 7.04 -9.06
CA HIS B 115 -3.46 6.35 -10.28
C HIS B 115 -4.48 7.19 -11.05
N ASN B 116 -4.03 8.37 -11.48
CA ASN B 116 -4.80 9.24 -12.37
C ASN B 116 -3.86 9.77 -13.44
N LYS B 117 -4.25 10.86 -14.11
CA LYS B 117 -3.43 11.46 -15.15
C LYS B 117 -3.25 12.97 -14.92
N VAL B 118 -3.03 13.33 -13.66
CA VAL B 118 -2.77 14.71 -13.30
C VAL B 118 -1.39 15.12 -13.83
N THR B 119 -1.32 16.27 -14.48
CA THR B 119 -0.09 16.71 -15.14
C THR B 119 0.53 17.93 -14.47
N GLU B 120 -0.23 18.60 -13.61
CA GLU B 120 0.27 19.83 -12.99
C GLU B 120 -0.51 20.20 -11.73
N LEU B 121 0.14 20.98 -10.86
CA LEU B 121 -0.47 21.46 -9.63
C LEU B 121 -0.40 22.98 -9.56
N PRO B 122 -1.33 23.67 -10.24
CA PRO B 122 -1.28 25.13 -10.30
C PRO B 122 -1.49 25.78 -8.93
N ARG B 123 -0.99 27.00 -8.78
CA ARG B 123 -1.12 27.73 -7.53
C ARG B 123 -2.58 27.94 -7.17
N GLY B 124 -2.91 27.66 -5.91
CA GLY B 124 -4.26 27.89 -5.41
C GLY B 124 -5.17 26.69 -5.48
N LEU B 125 -4.78 25.68 -6.26
CA LEU B 125 -5.60 24.48 -6.42
C LEU B 125 -5.89 23.80 -5.09
N LEU B 126 -4.87 23.71 -4.23
CA LEU B 126 -4.97 22.98 -2.97
C LEU B 126 -5.15 23.90 -1.77
N SER B 127 -5.30 25.20 -2.02
CA SER B 127 -5.36 26.18 -0.94
C SER B 127 -6.57 26.02 0.00
N PRO B 128 -7.70 25.49 -0.50
CA PRO B 128 -8.80 25.29 0.45
C PRO B 128 -8.50 24.19 1.47
N LEU B 129 -7.53 23.34 1.18
CA LEU B 129 -7.23 22.18 2.00
C LEU B 129 -6.26 22.51 3.13
N VAL B 130 -6.72 23.35 4.06
CA VAL B 130 -5.85 23.86 5.12
C VAL B 130 -5.65 22.85 6.24
N ASN B 131 -6.34 21.72 6.17
CA ASN B 131 -6.22 20.67 7.18
C ASN B 131 -5.65 19.37 6.65
N LEU B 132 -5.33 19.34 5.35
CA LEU B 132 -4.86 18.13 4.71
C LEU B 132 -3.57 17.62 5.35
N PHE B 133 -3.59 16.36 5.79
CA PHE B 133 -2.43 15.71 6.40
C PHE B 133 -1.68 14.89 5.36
N ILE B 134 -2.42 14.11 4.59
CA ILE B 134 -1.85 13.26 3.54
C ILE B 134 -2.34 13.67 2.16
N LEU B 135 -1.41 13.77 1.22
CA LEU B 135 -1.72 14.01 -0.18
C LEU B 135 -1.10 12.90 -1.02
N GLN B 136 -1.94 11.97 -1.46
CA GLN B 136 -1.48 10.83 -2.26
C GLN B 136 -1.63 11.13 -3.75
N LEU B 137 -0.50 11.35 -4.42
CA LEU B 137 -0.49 11.67 -5.85
C LEU B 137 0.39 10.72 -6.65
N ASN B 138 0.61 9.53 -6.11
CA ASN B 138 1.42 8.53 -6.80
C ASN B 138 0.79 8.11 -8.13
N ASN B 139 1.62 7.68 -9.07
CA ASN B 139 1.15 7.19 -10.36
C ASN B 139 0.29 8.22 -11.10
N ASN B 140 0.85 9.41 -11.30
CA ASN B 140 0.24 10.43 -12.15
C ASN B 140 1.24 10.86 -13.22
N LYS B 141 0.99 11.98 -13.88
CA LYS B 141 1.81 12.41 -15.01
C LYS B 141 2.46 13.77 -14.78
N ILE B 142 2.66 14.14 -13.52
CA ILE B 142 3.16 15.47 -13.18
C ILE B 142 4.63 15.63 -13.58
N ARG B 143 4.89 16.48 -14.56
CA ARG B 143 6.22 16.65 -15.11
C ARG B 143 7.10 17.59 -14.29
N GLU B 144 6.47 18.61 -13.69
CA GLU B 144 7.20 19.64 -12.97
C GLU B 144 6.44 20.09 -11.74
N LEU B 145 7.16 20.21 -10.62
CA LEU B 145 6.59 20.71 -9.38
C LEU B 145 6.87 22.21 -9.27
N ARG B 146 5.85 23.01 -9.59
CA ARG B 146 6.02 24.46 -9.65
C ARG B 146 5.98 25.09 -8.26
N ALA B 147 6.34 26.37 -8.19
CA ALA B 147 6.24 27.13 -6.96
C ALA B 147 4.78 27.46 -6.67
N GLY B 148 4.41 27.41 -5.38
CA GLY B 148 3.04 27.71 -4.97
C GLY B 148 2.10 26.54 -5.21
N ALA B 149 2.63 25.41 -5.67
CA ALA B 149 1.83 24.24 -5.97
C ALA B 149 1.09 23.73 -4.73
N PHE B 150 1.67 23.97 -3.56
CA PHE B 150 1.08 23.54 -2.29
C PHE B 150 0.72 24.72 -1.40
N GLN B 151 0.52 25.88 -2.02
CA GLN B 151 0.13 27.08 -1.28
C GLN B 151 -1.18 26.85 -0.54
N GLY B 152 -1.19 27.17 0.74
CA GLY B 152 -2.36 27.02 1.58
C GLY B 152 -2.40 25.70 2.34
N ALA B 153 -1.62 24.72 1.90
CA ALA B 153 -1.57 23.41 2.54
C ALA B 153 -0.69 23.45 3.79
N LYS B 154 -1.16 24.17 4.80
CA LYS B 154 -0.40 24.44 6.02
C LYS B 154 -0.09 23.20 6.85
N ASP B 155 -0.97 22.21 6.82
CA ASP B 155 -0.86 21.06 7.71
C ASP B 155 -0.35 19.78 7.01
N LEU B 156 0.11 19.91 5.77
CA LEU B 156 0.56 18.75 5.03
C LEU B 156 1.79 18.12 5.69
N ARG B 157 1.78 16.79 5.81
CA ARG B 157 2.86 16.07 6.48
C ARG B 157 3.39 14.92 5.62
N TRP B 158 2.49 14.17 5.00
CA TRP B 158 2.87 13.09 4.09
C TRP B 158 2.55 13.46 2.65
N LEU B 159 3.59 13.58 1.83
CA LEU B 159 3.43 13.92 0.42
C LEU B 159 4.00 12.82 -0.47
N TYR B 160 3.13 12.20 -1.25
CA TYR B 160 3.52 11.11 -2.14
C TYR B 160 3.47 11.55 -3.60
N LEU B 161 4.62 11.49 -4.27
CA LEU B 161 4.70 11.84 -5.69
C LEU B 161 5.47 10.78 -6.47
N SER B 162 5.39 9.53 -6.00
CA SER B 162 6.05 8.43 -6.66
C SER B 162 5.45 8.14 -8.03
N GLU B 163 6.28 7.66 -8.94
CA GLU B 163 5.86 7.27 -10.29
C GLU B 163 5.10 8.39 -11.01
N ASN B 164 5.73 9.56 -11.07
CA ASN B 164 5.24 10.65 -11.90
C ASN B 164 6.25 10.90 -13.03
N ALA B 165 6.23 12.09 -13.63
CA ALA B 165 7.18 12.43 -14.68
C ALA B 165 8.09 13.58 -14.25
N LEU B 166 8.31 13.68 -12.94
CA LEU B 166 9.10 14.78 -12.36
C LEU B 166 10.56 14.73 -12.81
N SER B 167 10.97 15.77 -13.55
CA SER B 167 12.34 15.91 -14.01
C SER B 167 13.10 16.94 -13.19
N SER B 168 12.37 17.78 -12.46
CA SER B 168 13.01 18.78 -11.63
C SER B 168 12.07 19.29 -10.52
N LEU B 169 12.67 19.60 -9.38
CA LEU B 169 11.97 20.27 -8.29
C LEU B 169 12.45 21.71 -8.21
N GLN B 170 11.55 22.65 -8.47
CA GLN B 170 11.90 24.07 -8.45
C GLN B 170 12.29 24.51 -7.04
N PRO B 171 13.21 25.48 -6.94
CA PRO B 171 13.73 25.93 -5.63
C PRO B 171 12.65 26.31 -4.61
N GLY B 172 11.49 26.76 -5.09
CA GLY B 172 10.41 27.20 -4.22
C GLY B 172 9.20 26.29 -4.25
N ALA B 173 9.39 25.04 -4.67
CA ALA B 173 8.28 24.11 -4.81
C ALA B 173 7.73 23.66 -3.45
N LEU B 174 8.62 23.50 -2.48
CA LEU B 174 8.28 22.95 -1.17
C LEU B 174 8.27 24.02 -0.08
N ASP B 175 8.10 25.28 -0.48
CA ASP B 175 8.13 26.40 0.46
C ASP B 175 6.96 26.39 1.43
N ASP B 176 5.79 25.98 0.95
CA ASP B 176 4.56 26.02 1.76
C ASP B 176 4.31 24.72 2.52
N VAL B 177 5.30 23.82 2.50
CA VAL B 177 5.18 22.54 3.19
C VAL B 177 6.48 22.20 3.93
N GLU B 178 6.99 23.17 4.68
CA GLU B 178 8.26 23.01 5.39
C GLU B 178 8.18 21.98 6.50
N ASN B 179 6.98 21.77 7.05
CA ASN B 179 6.79 20.86 8.16
C ASN B 179 6.50 19.43 7.71
N LEU B 180 6.84 19.12 6.46
CA LEU B 180 6.61 17.80 5.90
C LEU B 180 7.36 16.71 6.67
N ALA B 181 6.67 15.63 7.01
CA ALA B 181 7.27 14.51 7.72
C ALA B 181 7.76 13.44 6.75
N LYS B 182 6.97 13.19 5.71
CA LYS B 182 7.31 12.20 4.69
C LYS B 182 7.25 12.82 3.30
N PHE B 183 8.26 12.51 2.48
CA PHE B 183 8.29 12.99 1.11
C PHE B 183 8.79 11.89 0.17
N HIS B 184 7.84 11.24 -0.50
CA HIS B 184 8.14 10.21 -1.48
C HIS B 184 8.14 10.79 -2.88
N VAL B 185 9.28 10.66 -3.57
CA VAL B 185 9.41 11.15 -4.95
C VAL B 185 10.24 10.13 -5.73
N ASP B 186 10.09 8.86 -5.35
CA ASP B 186 10.82 7.79 -6.01
C ASP B 186 10.23 7.46 -7.38
N ARG B 187 11.01 6.75 -8.19
CA ARG B 187 10.58 6.33 -9.52
C ARG B 187 10.13 7.52 -10.35
N ASN B 188 10.96 8.57 -10.35
CA ASN B 188 10.76 9.72 -11.19
C ASN B 188 11.96 9.85 -12.14
N GLN B 189 12.22 11.05 -12.64
CA GLN B 189 13.33 11.26 -13.57
C GLN B 189 14.21 12.43 -13.12
N LEU B 190 14.45 12.49 -11.82
CA LEU B 190 15.37 13.47 -11.27
C LEU B 190 16.79 13.11 -11.65
N SER B 191 17.47 14.01 -12.37
CA SER B 191 18.81 13.76 -12.87
C SER B 191 19.89 14.27 -11.90
N SER B 192 19.45 14.79 -10.77
CA SER B 192 20.37 15.24 -9.73
C SER B 192 19.62 15.41 -8.41
N TYR B 193 20.35 15.40 -7.31
CA TYR B 193 19.74 15.60 -6.00
C TYR B 193 19.16 17.01 -5.91
N PRO B 194 17.84 17.14 -5.71
CA PRO B 194 17.22 18.47 -5.67
C PRO B 194 17.52 19.22 -4.37
N SER B 195 18.75 19.71 -4.26
CA SER B 195 19.20 20.39 -3.05
C SER B 195 18.36 21.62 -2.75
N ALA B 196 18.19 22.48 -3.75
CA ALA B 196 17.45 23.72 -3.59
C ALA B 196 16.07 23.50 -2.99
N ALA B 197 15.31 22.58 -3.57
CA ALA B 197 13.95 22.30 -3.11
C ALA B 197 13.93 21.71 -1.71
N LEU B 198 14.79 20.72 -1.47
CA LEU B 198 14.78 19.99 -0.20
C LEU B 198 15.40 20.78 0.95
N SER B 199 16.15 21.83 0.63
CA SER B 199 16.81 22.63 1.65
C SER B 199 15.79 23.41 2.48
N LYS B 200 14.58 23.56 1.94
CA LYS B 200 13.54 24.33 2.61
C LYS B 200 12.79 23.48 3.63
N LEU B 201 12.83 22.16 3.47
CA LEU B 201 12.22 21.26 4.45
C LEU B 201 13.07 21.26 5.72
N ARG B 202 12.39 21.20 6.86
CA ARG B 202 13.04 21.40 8.15
C ARG B 202 13.00 20.18 9.07
N VAL B 203 11.97 19.34 8.92
CA VAL B 203 11.74 18.25 9.86
C VAL B 203 11.40 16.92 9.18
N VAL B 204 11.91 16.73 7.97
CA VAL B 204 11.66 15.48 7.24
C VAL B 204 12.20 14.28 8.01
N GLU B 205 11.41 13.21 8.06
CA GLU B 205 11.78 12.00 8.77
C GLU B 205 12.04 10.86 7.78
N GLU B 206 11.19 10.79 6.75
CA GLU B 206 11.36 9.81 5.69
C GLU B 206 11.48 10.51 4.34
N LEU B 207 12.58 10.22 3.64
CA LEU B 207 12.83 10.76 2.32
C LEU B 207 13.11 9.63 1.34
N LYS B 208 12.22 9.48 0.36
CA LYS B 208 12.30 8.37 -0.58
C LYS B 208 12.63 8.86 -1.99
N LEU B 209 13.86 8.58 -2.42
CA LEU B 209 14.38 9.07 -3.70
C LEU B 209 14.74 7.94 -4.65
N SER B 210 14.29 6.73 -4.34
CA SER B 210 14.61 5.54 -5.14
C SER B 210 14.26 5.70 -6.61
N HIS B 211 15.02 5.03 -7.46
CA HIS B 211 14.77 5.03 -8.91
C HIS B 211 14.74 6.45 -9.46
N ASN B 212 15.80 7.20 -9.15
CA ASN B 212 16.06 8.50 -9.75
C ASN B 212 17.55 8.60 -10.03
N PRO B 213 17.94 8.85 -11.29
CA PRO B 213 19.37 8.91 -11.58
C PRO B 213 20.05 10.16 -10.99
N LEU B 214 20.36 10.10 -9.70
CA LEU B 214 20.93 11.25 -8.98
C LEU B 214 22.45 11.34 -9.11
N LYS B 215 23.09 10.21 -9.42
CA LYS B 215 24.55 10.11 -9.58
C LYS B 215 25.33 10.33 -8.28
N SER B 216 25.06 11.42 -7.57
CA SER B 216 25.80 11.73 -6.35
C SER B 216 25.00 12.56 -5.36
N ILE B 217 25.52 12.64 -4.13
CA ILE B 217 24.94 13.46 -3.07
C ILE B 217 25.94 14.53 -2.66
N PRO B 218 25.54 15.82 -2.75
CA PRO B 218 26.47 16.92 -2.48
C PRO B 218 26.65 17.22 -0.98
N ASP B 219 27.60 18.07 -0.66
CA ASP B 219 27.84 18.49 0.73
C ASP B 219 26.60 19.12 1.34
N ASN B 220 26.34 18.79 2.60
CA ASN B 220 25.20 19.35 3.33
C ASN B 220 23.87 19.10 2.63
N ALA B 221 23.73 17.91 2.06
CA ALA B 221 22.51 17.55 1.34
C ALA B 221 21.29 17.56 2.27
N PHE B 222 21.51 17.11 3.50
CA PHE B 222 20.42 16.93 4.46
C PHE B 222 20.56 17.86 5.67
N GLN B 223 21.33 18.92 5.51
CA GLN B 223 21.68 19.79 6.63
C GLN B 223 20.46 20.41 7.29
N SER B 224 19.53 20.92 6.49
CA SER B 224 18.39 21.67 7.01
C SER B 224 17.43 20.79 7.82
N PHE B 225 17.47 19.48 7.57
CA PHE B 225 16.59 18.55 8.28
C PHE B 225 17.36 17.33 8.80
N GLY B 226 18.66 17.49 8.97
CA GLY B 226 19.51 16.39 9.42
C GLY B 226 19.21 15.95 10.84
N ARG B 227 18.59 16.82 11.61
CA ARG B 227 18.27 16.53 13.00
C ARG B 227 17.01 15.66 13.13
N TYR B 228 16.31 15.46 12.02
CA TYR B 228 15.03 14.75 12.03
C TYR B 228 15.01 13.55 11.08
N LEU B 229 15.92 13.54 10.13
CA LEU B 229 15.95 12.48 9.11
C LEU B 229 16.20 11.10 9.73
N GLU B 230 15.21 10.23 9.60
CA GLU B 230 15.29 8.88 10.18
C GLU B 230 15.43 7.79 9.11
N THR B 231 14.72 7.95 8.00
CA THR B 231 14.75 6.97 6.92
C THR B 231 15.08 7.62 5.59
N LEU B 232 15.97 6.97 4.83
CA LEU B 232 16.49 7.52 3.58
C LEU B 232 16.62 6.43 2.53
N TRP B 233 15.84 6.52 1.46
CA TRP B 233 15.92 5.57 0.36
C TRP B 233 16.72 6.17 -0.79
N LEU B 234 17.82 5.51 -1.14
CA LEU B 234 18.65 5.94 -2.27
C LEU B 234 19.00 4.76 -3.16
N ASP B 235 18.20 3.70 -3.08
CA ASP B 235 18.42 2.51 -3.90
C ASP B 235 18.11 2.81 -5.37
N ASN B 236 18.91 2.23 -6.26
CA ASN B 236 18.73 2.40 -7.70
C ASN B 236 18.72 3.86 -8.12
N THR B 237 19.72 4.63 -7.68
CA THR B 237 19.85 6.03 -8.06
C THR B 237 21.17 6.29 -8.80
N ASN B 238 21.74 5.22 -9.38
CA ASN B 238 23.02 5.29 -10.07
C ASN B 238 24.07 6.00 -9.22
N LEU B 239 24.01 5.77 -7.91
CA LEU B 239 24.83 6.53 -6.97
C LEU B 239 26.28 6.07 -7.00
N GLU B 240 27.18 6.99 -7.34
CA GLU B 240 28.60 6.69 -7.45
C GLU B 240 29.36 7.07 -6.18
N LYS B 241 28.88 8.11 -5.50
CA LYS B 241 29.52 8.53 -4.26
C LYS B 241 28.65 9.48 -3.43
N PHE B 242 28.96 9.54 -2.14
CA PHE B 242 28.51 10.63 -1.27
C PHE B 242 29.68 11.60 -1.14
N SER B 243 29.38 12.89 -1.10
CA SER B 243 30.42 13.89 -0.84
C SER B 243 30.85 13.76 0.62
N ASP B 244 32.02 14.30 0.94
CA ASP B 244 32.56 14.18 2.28
C ASP B 244 31.69 14.88 3.31
N GLY B 245 30.98 15.92 2.89
CA GLY B 245 30.13 16.69 3.77
C GLY B 245 28.66 16.38 3.57
N ALA B 246 28.38 15.29 2.86
CA ALA B 246 27.00 14.93 2.53
C ALA B 246 26.17 14.68 3.78
N PHE B 247 26.76 14.03 4.77
CA PHE B 247 26.03 13.65 5.98
C PHE B 247 26.29 14.58 7.17
N LEU B 248 26.75 15.80 6.88
CA LEU B 248 26.92 16.80 7.94
C LEU B 248 25.57 17.13 8.57
N GLY B 249 25.51 17.04 9.90
CA GLY B 249 24.31 17.42 10.63
C GLY B 249 23.30 16.30 10.75
N VAL B 250 23.62 15.13 10.21
CA VAL B 250 22.74 13.97 10.28
C VAL B 250 23.01 13.22 11.59
N THR B 251 22.04 13.26 12.50
CA THR B 251 22.27 12.83 13.88
C THR B 251 21.33 11.72 14.35
N THR B 252 20.33 11.36 13.56
CA THR B 252 19.33 10.38 13.98
C THR B 252 18.90 9.47 12.83
N LEU B 253 19.81 9.23 11.89
CA LEU B 253 19.52 8.37 10.75
C LEU B 253 19.53 6.91 11.16
N LYS B 254 18.41 6.23 10.95
CA LYS B 254 18.22 4.86 11.44
C LYS B 254 18.13 3.84 10.30
N HIS B 255 17.48 4.22 9.20
CA HIS B 255 17.23 3.30 8.09
C HIS B 255 17.71 3.88 6.76
N VAL B 256 18.58 3.13 6.09
CA VAL B 256 19.16 3.58 4.83
C VAL B 256 19.15 2.46 3.79
N HIS B 257 18.78 2.80 2.56
CA HIS B 257 18.76 1.85 1.46
C HIS B 257 19.70 2.31 0.34
N LEU B 258 20.78 1.55 0.15
CA LEU B 258 21.82 1.91 -0.83
C LEU B 258 22.00 0.87 -1.92
N GLU B 259 21.15 -0.15 -1.91
CA GLU B 259 21.32 -1.28 -2.82
C GLU B 259 21.16 -0.88 -4.29
N ASN B 260 21.83 -1.63 -5.17
CA ASN B 260 21.75 -1.42 -6.60
C ASN B 260 22.27 -0.05 -7.03
N ASN B 261 23.53 0.23 -6.70
CA ASN B 261 24.19 1.47 -7.10
C ASN B 261 25.62 1.17 -7.55
N ARG B 262 26.43 2.22 -7.66
CA ARG B 262 27.83 2.08 -8.10
C ARG B 262 28.79 2.53 -7.00
N LEU B 263 28.38 2.40 -5.75
CA LEU B 263 29.21 2.81 -4.62
C LEU B 263 30.40 1.89 -4.40
N ASN B 264 31.58 2.47 -4.26
CA ASN B 264 32.81 1.74 -3.95
C ASN B 264 33.18 1.92 -2.49
N GLN B 265 32.79 3.05 -1.92
CA GLN B 265 33.17 3.39 -0.55
C GLN B 265 32.17 4.34 0.08
N LEU B 266 32.30 4.53 1.39
CA LEU B 266 31.45 5.46 2.14
C LEU B 266 32.33 6.56 2.74
N PRO B 267 31.74 7.75 2.94
CA PRO B 267 32.52 8.83 3.57
C PRO B 267 32.87 8.50 5.01
N SER B 268 33.95 9.10 5.51
CA SER B 268 34.40 8.83 6.86
C SER B 268 33.37 9.24 7.90
N ASN B 269 32.59 10.27 7.60
CA ASN B 269 31.59 10.78 8.53
C ASN B 269 30.22 10.11 8.36
N PHE B 270 30.21 8.96 7.70
CA PHE B 270 28.97 8.21 7.55
C PHE B 270 28.42 7.81 8.93
N PRO B 271 27.17 8.17 9.24
CA PRO B 271 26.69 8.02 10.61
C PRO B 271 26.19 6.62 10.94
N PHE B 272 26.94 5.89 11.76
CA PHE B 272 26.56 4.55 12.21
C PHE B 272 25.99 4.58 13.63
N ASP B 273 26.15 5.71 14.32
CA ASP B 273 25.82 5.83 15.74
C ASP B 273 24.35 5.55 16.05
N SER B 274 23.48 5.74 15.06
CA SER B 274 22.05 5.54 15.24
C SER B 274 21.48 4.59 14.19
N LEU B 275 22.36 4.07 13.33
CA LEU B 275 21.94 3.25 12.21
C LEU B 275 21.45 1.87 12.66
N GLU B 276 20.22 1.53 12.26
CA GLU B 276 19.60 0.26 12.63
C GLU B 276 19.67 -0.75 11.49
N THR B 277 19.14 -0.35 10.34
CA THR B 277 19.16 -1.21 9.15
C THR B 277 19.92 -0.53 8.01
N LEU B 278 20.52 -1.32 7.14
CA LEU B 278 21.28 -0.80 6.01
C LEU B 278 21.37 -1.81 4.87
N ALA B 279 20.63 -1.56 3.81
CA ALA B 279 20.69 -2.39 2.60
C ALA B 279 21.79 -1.87 1.69
N LEU B 280 22.71 -2.74 1.30
CA LEU B 280 23.86 -2.33 0.51
C LEU B 280 24.30 -3.39 -0.49
N THR B 281 23.40 -4.32 -0.81
CA THR B 281 23.71 -5.36 -1.78
C THR B 281 23.77 -4.79 -3.19
N ASN B 282 24.48 -5.49 -4.07
CA ASN B 282 24.65 -5.08 -5.45
C ASN B 282 25.35 -3.73 -5.56
N ASN B 283 26.52 -3.64 -4.93
CA ASN B 283 27.42 -2.51 -5.10
C ASN B 283 28.85 -3.02 -5.28
N PRO B 284 29.65 -2.35 -6.12
CA PRO B 284 31.05 -2.76 -6.28
C PRO B 284 31.92 -2.27 -5.13
N TRP B 285 31.63 -2.74 -3.93
CA TRP B 285 32.33 -2.29 -2.73
C TRP B 285 33.83 -2.58 -2.81
N LYS B 286 34.62 -1.55 -2.50
CA LYS B 286 36.07 -1.67 -2.43
C LYS B 286 36.49 -1.86 -0.98
N CYS B 287 36.97 -3.07 -0.66
CA CYS B 287 37.31 -3.41 0.71
C CYS B 287 38.70 -2.94 1.09
N THR B 288 38.78 -1.71 1.57
CA THR B 288 40.02 -1.13 2.09
C THR B 288 39.71 -0.42 3.41
N CYS B 289 40.65 0.37 3.90
CA CYS B 289 40.53 0.95 5.24
C CYS B 289 39.39 1.94 5.37
N GLN B 290 39.00 2.58 4.27
CA GLN B 290 37.88 3.53 4.30
C GLN B 290 36.57 2.82 4.67
N LEU B 291 36.53 1.51 4.52
CA LEU B 291 35.33 0.74 4.75
C LEU B 291 35.29 0.08 6.13
N ARG B 292 36.26 0.45 6.98
CA ARG B 292 36.39 -0.17 8.29
C ARG B 292 35.24 0.21 9.21
N GLY B 293 34.74 1.44 9.07
CA GLY B 293 33.63 1.91 9.87
C GLY B 293 32.40 1.04 9.66
N LEU B 294 32.18 0.64 8.41
CA LEU B 294 31.07 -0.23 8.06
C LEU B 294 31.30 -1.62 8.65
N ARG B 295 32.54 -2.08 8.62
CA ARG B 295 32.87 -3.41 9.14
C ARG B 295 32.53 -3.53 10.62
N ARG B 296 32.93 -2.54 11.41
CA ARG B 296 32.70 -2.59 12.84
C ARG B 296 31.22 -2.48 13.19
N TRP B 297 30.45 -1.82 12.31
CA TRP B 297 29.01 -1.72 12.51
C TRP B 297 28.35 -3.07 12.26
N LEU B 298 28.85 -3.80 11.27
CA LEU B 298 28.35 -5.14 10.98
C LEU B 298 28.65 -6.08 12.14
N GLU B 299 29.84 -5.93 12.72
CA GLU B 299 30.26 -6.77 13.83
C GLU B 299 29.37 -6.58 15.06
N ALA B 300 28.68 -5.45 15.13
CA ALA B 300 27.83 -5.15 16.27
C ALA B 300 26.65 -6.11 16.36
N LYS B 301 26.09 -6.48 15.20
CA LYS B 301 24.98 -7.43 15.15
C LYS B 301 25.12 -8.37 13.95
N ALA B 302 25.08 -9.66 14.22
CA ALA B 302 25.27 -10.68 13.19
C ALA B 302 24.06 -10.75 12.24
N SER B 303 22.92 -10.24 12.70
CA SER B 303 21.69 -10.30 11.91
C SER B 303 21.64 -9.24 10.81
N ARG B 304 22.59 -8.30 10.84
CA ARG B 304 22.64 -7.23 9.85
C ARG B 304 23.25 -7.74 8.54
N PRO B 305 22.46 -7.77 7.45
CA PRO B 305 23.01 -8.28 6.19
C PRO B 305 24.15 -7.43 5.64
N ASP B 306 25.06 -8.06 4.90
CA ASP B 306 26.17 -7.36 4.28
C ASP B 306 26.17 -7.59 2.77
N ALA B 307 27.28 -7.26 2.12
CA ALA B 307 27.45 -7.53 0.71
C ALA B 307 28.86 -8.02 0.45
N THR B 308 29.17 -8.29 -0.81
CA THR B 308 30.46 -8.84 -1.19
C THR B 308 31.40 -7.77 -1.73
N CYS B 309 32.69 -7.95 -1.47
CA CYS B 309 33.71 -7.04 -1.99
C CYS B 309 33.89 -7.27 -3.48
N ALA B 310 34.10 -6.19 -4.21
CA ALA B 310 34.41 -6.26 -5.64
C ALA B 310 35.89 -6.01 -5.87
N SER B 311 36.56 -5.43 -4.87
CA SER B 311 37.97 -5.10 -4.98
C SER B 311 38.58 -4.87 -3.60
N PRO B 312 39.91 -5.02 -3.46
CA PRO B 312 40.85 -5.44 -4.51
C PRO B 312 40.68 -6.92 -4.87
N ALA B 313 41.27 -7.34 -5.97
CA ALA B 313 41.09 -8.69 -6.48
C ALA B 313 41.42 -9.76 -5.45
N LYS B 314 42.30 -9.41 -4.51
CA LYS B 314 42.73 -10.33 -3.47
C LYS B 314 41.57 -10.73 -2.56
N PHE B 315 40.54 -9.90 -2.50
CA PHE B 315 39.39 -10.15 -1.64
C PHE B 315 38.08 -10.21 -2.43
N LYS B 316 38.18 -10.24 -3.76
CA LYS B 316 37.02 -10.19 -4.62
C LYS B 316 36.09 -11.38 -4.42
N GLY B 317 34.81 -11.08 -4.20
CA GLY B 317 33.79 -12.11 -4.04
C GLY B 317 33.49 -12.47 -2.60
N GLN B 318 34.37 -12.05 -1.69
CA GLN B 318 34.21 -12.35 -0.28
C GLN B 318 33.24 -11.39 0.40
N HIS B 319 32.52 -11.88 1.40
CA HIS B 319 31.61 -11.05 2.18
C HIS B 319 32.40 -10.09 3.07
N ILE B 320 31.89 -8.87 3.20
CA ILE B 320 32.57 -7.83 3.97
C ILE B 320 32.74 -8.23 5.44
N ARG B 321 31.75 -8.95 5.97
CA ARG B 321 31.77 -9.36 7.37
C ARG B 321 32.87 -10.39 7.65
N ASP B 322 33.21 -11.19 6.65
CA ASP B 322 34.05 -12.37 6.84
C ASP B 322 35.48 -12.19 6.33
N THR B 323 35.71 -11.21 5.47
CA THR B 323 37.02 -11.03 4.84
C THR B 323 38.09 -10.63 5.84
N ASP B 324 39.35 -10.69 5.41
CA ASP B 324 40.48 -10.30 6.24
C ASP B 324 41.16 -9.06 5.68
N ALA B 325 40.39 -8.24 4.96
CA ALA B 325 40.92 -7.04 4.33
C ALA B 325 41.09 -5.89 5.32
N PHE B 326 40.49 -6.05 6.51
CA PHE B 326 40.54 -5.01 7.54
C PHE B 326 41.38 -5.44 8.74
N ARG B 327 42.34 -6.32 8.51
CA ARG B 327 43.19 -6.83 9.58
C ARG B 327 44.19 -5.78 10.05
N SER B 328 44.55 -4.87 9.14
CA SER B 328 45.49 -3.80 9.45
C SER B 328 44.76 -2.48 9.71
N CYS B 329 43.57 -2.35 9.13
CA CYS B 329 42.79 -1.12 9.23
C CYS B 329 42.10 -0.99 10.58
P PO4 C . 9.84 6.52 15.19
O1 PO4 C . 11.29 6.17 15.39
O2 PO4 C . 9.16 6.65 16.53
O3 PO4 C . 9.16 5.43 14.40
O4 PO4 C . 9.73 7.82 14.43
NI NI D . -5.27 22.46 11.34
CL CL E . -5.45 24.79 13.21
P PO4 F . -23.16 29.56 -7.08
O1 PO4 F . -23.00 28.10 -6.76
O2 PO4 F . -22.02 30.34 -6.47
O3 PO4 F . -23.15 29.75 -8.58
O4 PO4 F . -24.47 30.07 -6.52
P PO4 G . 12.18 2.26 14.31
O1 PO4 G . 12.43 0.85 13.81
O2 PO4 G . 13.45 2.81 14.89
O3 PO4 G . 11.74 3.12 13.14
O4 PO4 G . 11.10 2.24 15.35
NI NI H . -23.98 -4.22 7.10
#